data_3TB5
#
_entry.id   3TB5
#
_cell.length_a   120.740
_cell.length_b   132.130
_cell.length_c   85.300
_cell.angle_alpha   90.00
_cell.angle_beta   133.36
_cell.angle_gamma   90.00
#
_symmetry.space_group_name_H-M   'C 1 2 1'
#
loop_
_entity.id
_entity.type
_entity.pdbx_description
1 polymer 'Methionine aminopeptidase'
2 non-polymer 'CITRIC ACID'
3 water water
#
_entity_poly.entity_id   1
_entity_poly.type   'polypeptide(L)'
_entity_poly.pdbx_seq_one_letter_code
;MITLKSPREIEMMDESGELLADVHRHLRTFIKPGITSWDIEVFVRDFIESHGGVAAQIGYEGYKYATCCSINDEICHGFP
RKKVLKDGDLIKVDMCVDLKGAISDSCWSYVVGESTPEIDRLMEVTKKALYLGIEQAQVGNRIGDIGHAIQTYVEGEGYG
VVRDFVGHGIGPTIHESPMIPHYGEAGKGLRLKEGMVITIEPMVNTGTWRMKMDPNGWTAYTEDGGLSCQYEHSLAITKE
GPRILTSQGEELTYLEHHHPPTEE
;
_entity_poly.pdbx_strand_id   A,B,C
#
# COMPACT_ATOMS: atom_id res chain seq x y z
N MET A 1 12.11 -2.72 8.64
CA MET A 1 12.32 -1.50 7.79
C MET A 1 13.75 -1.10 7.37
N ILE A 2 14.76 -1.45 8.15
CA ILE A 2 16.08 -1.56 7.54
C ILE A 2 16.27 -3.02 7.31
N THR A 3 16.28 -3.44 6.05
CA THR A 3 16.39 -4.87 5.82
C THR A 3 17.82 -5.21 5.58
N LEU A 4 18.18 -6.45 5.92
CA LEU A 4 19.54 -6.88 5.69
C LEU A 4 19.49 -7.85 4.56
N LYS A 5 20.34 -7.62 3.58
CA LYS A 5 20.36 -8.39 2.37
C LYS A 5 21.27 -9.58 2.52
N SER A 6 20.87 -10.62 1.82
CA SER A 6 21.59 -11.81 1.74
C SER A 6 22.57 -11.71 0.60
N PRO A 7 23.57 -12.61 0.60
CA PRO A 7 24.60 -12.67 -0.44
C PRO A 7 24.03 -12.68 -1.86
N ARG A 8 22.94 -13.38 -2.05
CA ARG A 8 22.39 -13.50 -3.37
C ARG A 8 21.77 -12.17 -3.79
N GLU A 9 21.01 -11.53 -2.90
CA GLU A 9 20.42 -10.23 -3.12
C GLU A 9 21.57 -9.23 -3.48
N ILE A 10 22.60 -9.16 -2.64
CA ILE A 10 23.75 -8.29 -2.89
C ILE A 10 24.37 -8.48 -4.26
N GLU A 11 24.54 -9.74 -4.61
CA GLU A 11 24.99 -10.14 -5.91
C GLU A 11 24.15 -9.51 -7.05
N MET A 12 22.84 -9.57 -6.89
CA MET A 12 21.96 -9.05 -7.93
C MET A 12 22.00 -7.51 -7.99
N MET A 13 22.05 -6.88 -6.82
CA MET A 13 22.29 -5.48 -6.71
C MET A 13 23.62 -5.08 -7.34
N ASP A 14 24.59 -5.97 -7.27
CA ASP A 14 25.83 -5.73 -7.97
C ASP A 14 25.59 -5.82 -9.48
N GLU A 15 24.70 -6.68 -9.96
CA GLU A 15 24.51 -6.80 -11.42
CA GLU A 15 24.50 -6.82 -11.39
C GLU A 15 23.73 -5.58 -11.93
N SER A 16 22.87 -5.04 -11.07
CA SER A 16 22.05 -3.90 -11.36
C SER A 16 22.98 -2.69 -11.48
N GLY A 17 23.92 -2.63 -10.54
CA GLY A 17 24.95 -1.57 -10.47
C GLY A 17 25.92 -1.58 -11.64
N GLU A 18 26.22 -2.74 -12.21
CA GLU A 18 27.07 -2.82 -13.40
CA GLU A 18 27.09 -2.83 -13.37
C GLU A 18 26.37 -2.21 -14.60
N LEU A 19 25.06 -2.44 -14.74
CA LEU A 19 24.29 -1.81 -15.84
C LEU A 19 24.27 -0.28 -15.64
N LEU A 20 24.00 0.17 -14.43
CA LEU A 20 24.00 1.61 -14.20
C LEU A 20 25.43 2.18 -14.44
N ALA A 21 26.47 1.52 -13.90
CA ALA A 21 27.86 1.94 -14.19
C ALA A 21 28.12 2.05 -15.67
N ASP A 22 27.61 1.07 -16.41
CA ASP A 22 27.85 1.05 -17.82
C ASP A 22 27.20 2.26 -18.49
N VAL A 23 26.03 2.70 -17.99
CA VAL A 23 25.36 3.94 -18.53
C VAL A 23 26.23 5.16 -18.28
N HIS A 24 26.75 5.27 -17.06
CA HIS A 24 27.72 6.32 -16.75
C HIS A 24 28.95 6.30 -17.70
N ARG A 25 29.57 5.14 -17.92
CA ARG A 25 30.66 5.06 -18.86
C ARG A 25 30.26 5.60 -20.23
N HIS A 26 29.07 5.26 -20.69
CA HIS A 26 28.68 5.73 -22.02
C HIS A 26 28.39 7.23 -21.98
N LEU A 27 28.07 7.79 -20.80
CA LEU A 27 27.76 9.25 -20.70
C LEU A 27 28.99 10.12 -20.90
N ARG A 28 30.17 9.53 -20.65
CA ARG A 28 31.40 10.28 -20.76
C ARG A 28 31.55 10.80 -22.16
N THR A 29 31.12 10.09 -23.20
CA THR A 29 31.32 10.67 -24.51
C THR A 29 30.01 11.22 -25.07
N PHE A 30 28.89 10.93 -24.48
CA PHE A 30 27.68 11.42 -25.00
C PHE A 30 27.44 12.89 -24.55
N ILE A 31 27.92 13.24 -23.36
CA ILE A 31 27.67 14.56 -22.83
CA ILE A 31 27.68 14.58 -22.83
C ILE A 31 28.59 15.63 -23.44
N LYS A 32 28.01 16.51 -24.25
CA LYS A 32 28.76 17.56 -24.88
C LYS A 32 27.96 18.81 -25.10
N PRO A 33 28.66 19.92 -25.43
CA PRO A 33 27.93 21.15 -25.59
C PRO A 33 26.97 20.97 -26.78
N GLY A 34 25.80 21.55 -26.74
CA GLY A 34 24.83 21.44 -27.87
C GLY A 34 23.73 20.40 -27.53
N ILE A 35 23.97 19.38 -26.64
CA ILE A 35 22.84 18.44 -26.37
C ILE A 35 21.97 19.14 -25.33
N THR A 36 20.78 18.64 -25.03
CA THR A 36 20.02 19.14 -23.88
C THR A 36 20.09 18.06 -22.71
N SER A 37 19.64 18.37 -21.51
CA SER A 37 19.53 17.32 -20.51
C SER A 37 18.37 16.33 -20.85
N TRP A 38 17.41 16.81 -21.61
CA TRP A 38 16.39 15.88 -22.13
C TRP A 38 17.01 14.76 -22.98
N ASP A 39 17.97 15.08 -23.84
CA ASP A 39 18.68 14.05 -24.60
C ASP A 39 19.36 12.98 -23.69
N ILE A 40 19.88 13.39 -22.52
CA ILE A 40 20.48 12.52 -21.51
C ILE A 40 19.38 11.64 -20.97
N GLU A 41 18.24 12.23 -20.59
CA GLU A 41 17.12 11.40 -20.14
C GLU A 41 16.82 10.32 -21.17
N VAL A 42 16.69 10.68 -22.46
CA VAL A 42 16.18 9.77 -23.44
C VAL A 42 17.24 8.68 -23.58
N PHE A 43 18.50 9.06 -23.65
CA PHE A 43 19.55 8.10 -23.87
C PHE A 43 19.69 7.08 -22.69
N VAL A 44 19.72 7.58 -21.46
CA VAL A 44 19.82 6.77 -20.25
C VAL A 44 18.60 5.78 -20.13
N ARG A 45 17.40 6.33 -20.29
CA ARG A 45 16.23 5.50 -20.24
C ARG A 45 16.30 4.38 -21.31
N ASP A 46 16.65 4.70 -22.56
CA ASP A 46 16.77 3.69 -23.62
CA ASP A 46 16.74 3.67 -23.59
C ASP A 46 17.86 2.66 -23.30
N PHE A 47 18.93 3.09 -22.63
CA PHE A 47 20.03 2.19 -22.38
C PHE A 47 19.61 1.20 -21.27
N ILE A 48 19.02 1.73 -20.21
CA ILE A 48 18.63 0.90 -19.06
C ILE A 48 17.55 -0.12 -19.62
N GLU A 49 16.58 0.41 -20.31
CA GLU A 49 15.53 -0.43 -20.71
C GLU A 49 15.80 -1.50 -21.82
N SER A 50 16.81 -1.24 -22.65
CA SER A 50 17.13 -2.11 -23.78
C SER A 50 18.03 -3.16 -23.19
N HIS A 51 18.49 -3.00 -21.96
CA HIS A 51 19.24 -4.08 -21.34
C HIS A 51 18.45 -4.82 -20.32
N GLY A 52 17.14 -4.63 -20.27
CA GLY A 52 16.29 -5.42 -19.36
C GLY A 52 15.88 -4.72 -18.08
N GLY A 53 16.46 -3.58 -17.80
CA GLY A 53 16.11 -2.90 -16.59
C GLY A 53 14.93 -1.96 -16.65
N VAL A 54 14.65 -1.44 -15.47
CA VAL A 54 13.55 -0.50 -15.31
C VAL A 54 14.23 0.65 -14.61
N ALA A 55 13.88 1.86 -15.07
CA ALA A 55 14.39 3.10 -14.45
C ALA A 55 13.52 3.37 -13.29
N ALA A 56 14.09 3.01 -12.15
CA ALA A 56 13.40 2.96 -10.92
C ALA A 56 12.92 4.33 -10.36
N GLN A 57 13.36 5.46 -10.92
CA GLN A 57 12.88 6.76 -10.38
CA GLN A 57 12.93 6.76 -10.41
C GLN A 57 11.54 7.10 -10.94
N ILE A 58 11.20 6.51 -12.09
CA ILE A 58 9.91 6.77 -12.68
C ILE A 58 8.76 6.26 -11.83
N GLY A 59 7.88 7.20 -11.45
CA GLY A 59 6.78 7.00 -10.51
C GLY A 59 7.21 7.10 -9.03
N TYR A 60 8.49 7.26 -8.72
CA TYR A 60 8.78 7.45 -7.33
C TYR A 60 8.17 8.74 -6.81
N GLU A 61 7.16 8.64 -5.94
CA GLU A 61 6.50 9.79 -5.34
C GLU A 61 6.03 10.76 -6.43
N GLY A 62 5.58 10.19 -7.56
CA GLY A 62 5.12 10.96 -8.68
C GLY A 62 6.21 11.46 -9.63
N TYR A 63 7.49 11.21 -9.35
CA TYR A 63 8.56 11.71 -10.29
C TYR A 63 8.32 11.05 -11.67
N LYS A 64 8.57 11.74 -12.76
CA LYS A 64 8.19 11.22 -14.08
C LYS A 64 9.32 10.77 -14.93
N TYR A 65 10.56 10.98 -14.48
CA TYR A 65 11.77 10.75 -15.34
C TYR A 65 12.67 9.64 -14.89
N ALA A 66 13.48 9.06 -15.77
CA ALA A 66 14.52 8.10 -15.36
C ALA A 66 15.68 8.74 -14.61
N THR A 67 15.81 10.06 -14.72
CA THR A 67 17.07 10.69 -14.38
C THR A 67 16.75 12.00 -13.61
N CYS A 68 17.67 12.50 -12.79
CA CYS A 68 17.69 13.86 -12.43
C CYS A 68 18.95 14.44 -13.07
N CYS A 69 18.83 15.67 -13.61
CA CYS A 69 19.94 16.38 -14.27
C CYS A 69 19.99 17.69 -13.56
N SER A 70 20.95 17.89 -12.67
CA SER A 70 20.99 19.10 -11.87
C SER A 70 22.20 19.86 -12.32
N ILE A 71 21.96 21.06 -12.90
CA ILE A 71 22.98 21.85 -13.63
C ILE A 71 23.48 22.97 -12.74
N ASN A 72 24.80 23.05 -12.49
CA ASN A 72 25.39 24.25 -11.94
C ASN A 72 24.94 24.48 -10.49
N ASP A 73 24.30 25.65 -10.19
CA ASP A 73 23.82 25.89 -8.85
C ASP A 73 22.59 25.06 -8.41
N GLU A 74 22.01 24.24 -9.29
CA GLU A 74 21.06 23.25 -8.91
C GLU A 74 21.80 22.10 -8.18
N ILE A 75 21.36 21.77 -6.98
CA ILE A 75 22.07 20.81 -6.15
C ILE A 75 21.66 19.37 -6.50
N CYS A 76 20.34 19.12 -6.52
CA CYS A 76 19.75 17.81 -6.77
C CYS A 76 18.30 17.94 -7.25
N HIS A 77 17.83 16.87 -7.89
CA HIS A 77 16.47 16.78 -8.33
C HIS A 77 16.08 17.82 -9.40
N GLY A 78 17.01 18.19 -10.23
CA GLY A 78 16.68 18.88 -11.46
C GLY A 78 16.02 17.94 -12.42
N PHE A 79 15.10 18.48 -13.21
CA PHE A 79 14.34 17.68 -14.20
C PHE A 79 15.22 17.69 -15.42
N PRO A 80 15.33 16.58 -16.16
CA PRO A 80 15.82 16.68 -17.56
C PRO A 80 14.87 17.59 -18.33
N ARG A 81 15.40 18.54 -19.10
CA ARG A 81 14.61 19.40 -19.92
C ARG A 81 15.23 19.76 -21.27
N LYS A 82 14.43 20.36 -22.16
CA LYS A 82 14.93 20.63 -23.51
C LYS A 82 15.60 21.97 -23.50
N LYS A 83 16.61 22.09 -22.66
CA LYS A 83 17.40 23.26 -22.52
C LYS A 83 18.83 22.85 -22.88
N VAL A 84 19.51 23.68 -23.69
CA VAL A 84 20.78 23.30 -24.26
C VAL A 84 21.89 23.42 -23.18
N LEU A 85 22.74 22.39 -23.07
CA LEU A 85 23.93 22.41 -22.23
C LEU A 85 25.10 23.16 -22.92
N LYS A 86 25.87 23.94 -22.15
CA LYS A 86 26.93 24.81 -22.68
C LYS A 86 28.32 24.43 -22.18
N ASP A 87 29.36 24.92 -22.87
CA ASP A 87 30.71 24.89 -22.31
C ASP A 87 30.73 25.37 -20.89
N GLY A 88 31.34 24.54 -20.04
CA GLY A 88 31.50 25.04 -18.67
C GLY A 88 30.35 24.65 -17.74
N ASP A 89 29.27 23.98 -18.22
CA ASP A 89 28.18 23.59 -17.30
C ASP A 89 28.63 22.37 -16.47
N LEU A 90 28.26 22.37 -15.22
CA LEU A 90 28.54 21.22 -14.39
C LEU A 90 27.21 20.51 -14.12
N ILE A 91 27.06 19.32 -14.67
CA ILE A 91 25.78 18.66 -14.58
C ILE A 91 25.90 17.34 -13.76
N LYS A 92 24.99 17.11 -12.83
CA LYS A 92 25.02 15.92 -12.04
C LYS A 92 23.95 15.05 -12.62
N VAL A 93 24.31 13.82 -13.03
CA VAL A 93 23.32 12.94 -13.57
C VAL A 93 23.02 11.80 -12.65
N ASP A 94 21.86 11.86 -12.03
CA ASP A 94 21.39 10.85 -11.07
C ASP A 94 20.41 9.87 -11.75
N MET A 95 20.65 8.58 -11.58
CA MET A 95 19.70 7.60 -12.08
C MET A 95 19.69 6.39 -11.16
N CYS A 96 18.57 5.63 -11.16
CA CYS A 96 18.46 4.34 -10.42
C CYS A 96 18.01 3.25 -11.33
N VAL A 97 18.55 2.05 -11.09
CA VAL A 97 18.21 0.92 -11.90
C VAL A 97 17.55 -0.15 -11.05
N ASP A 98 16.45 -0.70 -11.55
CA ASP A 98 15.90 -1.91 -10.98
C ASP A 98 16.13 -3.01 -12.07
N LEU A 99 17.03 -3.94 -11.79
CA LEU A 99 17.31 -5.00 -12.74
C LEU A 99 16.87 -6.35 -12.08
N LYS A 100 15.75 -6.87 -12.59
CA LYS A 100 15.08 -8.06 -12.06
C LYS A 100 14.78 -7.92 -10.57
N GLY A 101 14.26 -6.79 -10.15
CA GLY A 101 14.01 -6.47 -8.75
C GLY A 101 15.20 -5.92 -7.96
N ALA A 102 16.40 -5.91 -8.48
CA ALA A 102 17.50 -5.40 -7.62
C ALA A 102 17.79 -3.94 -7.94
N ILE A 103 17.83 -3.13 -6.88
CA ILE A 103 18.06 -1.70 -6.92
C ILE A 103 19.53 -1.30 -6.79
N SER A 104 19.97 -0.39 -7.66
CA SER A 104 21.22 0.43 -7.53
C SER A 104 20.91 1.92 -7.82
N ASP A 105 21.64 2.82 -7.17
CA ASP A 105 21.46 4.26 -7.32
C ASP A 105 22.85 4.81 -7.53
N SER A 106 22.99 5.74 -8.45
CA SER A 106 24.29 6.40 -8.53
C SER A 106 24.20 7.69 -9.32
N CYS A 107 24.68 8.78 -8.73
CA CYS A 107 24.85 10.06 -9.43
C CYS A 107 26.29 10.33 -9.71
N TRP A 108 26.62 10.77 -10.92
CA TRP A 108 28.00 11.15 -11.27
C TRP A 108 27.94 12.59 -11.88
N SER A 109 29.00 13.40 -11.66
CA SER A 109 29.13 14.76 -12.19
C SER A 109 29.92 14.74 -13.46
N TYR A 110 29.60 15.62 -14.41
CA TYR A 110 30.31 15.74 -15.66
C TYR A 110 30.47 17.22 -15.90
N VAL A 111 31.60 17.65 -16.46
CA VAL A 111 31.70 19.07 -16.87
C VAL A 111 31.45 19.02 -18.38
N VAL A 112 30.63 19.91 -18.88
CA VAL A 112 30.32 19.93 -20.35
C VAL A 112 31.37 20.78 -21.07
N GLY A 113 32.12 20.17 -21.99
CA GLY A 113 33.09 20.97 -22.82
C GLY A 113 34.27 21.40 -22.00
N GLU A 114 34.65 22.64 -22.16
CA GLU A 114 35.81 23.22 -21.46
CA GLU A 114 35.80 23.20 -21.46
C GLU A 114 35.44 23.51 -20.02
N SER A 115 36.28 23.05 -19.11
CA SER A 115 36.16 23.25 -17.69
C SER A 115 36.81 24.51 -17.28
N THR A 116 36.68 24.82 -15.98
CA THR A 116 37.35 25.91 -15.33
C THR A 116 38.08 25.38 -14.07
N PRO A 117 39.01 26.18 -13.55
CA PRO A 117 39.74 25.82 -12.34
C PRO A 117 38.80 25.63 -11.18
N GLU A 118 37.82 26.49 -11.07
CA GLU A 118 36.85 26.40 -9.98
C GLU A 118 36.08 25.05 -9.96
N ILE A 119 35.69 24.61 -11.16
CA ILE A 119 34.98 23.37 -11.38
C ILE A 119 35.90 22.18 -11.27
N ASP A 120 37.13 22.26 -11.77
CA ASP A 120 37.97 21.10 -11.65
C ASP A 120 38.26 20.80 -10.20
N ARG A 121 38.50 21.81 -9.42
CA ARG A 121 38.76 21.68 -7.97
C ARG A 121 37.55 21.20 -7.17
N LEU A 122 36.38 21.76 -7.48
CA LEU A 122 35.18 21.29 -6.79
C LEU A 122 34.87 19.86 -7.11
N MET A 123 35.02 19.45 -8.37
CA MET A 123 34.63 18.08 -8.62
C MET A 123 35.62 17.13 -7.90
N GLU A 124 36.88 17.52 -7.86
CA GLU A 124 37.90 16.57 -7.33
C GLU A 124 37.73 16.49 -5.81
N VAL A 125 37.34 17.58 -5.17
CA VAL A 125 37.03 17.59 -3.71
C VAL A 125 35.80 16.74 -3.38
N THR A 126 34.75 16.89 -4.19
CA THR A 126 33.54 16.16 -3.90
C THR A 126 33.77 14.64 -4.03
N LYS A 127 34.44 14.23 -5.09
CA LYS A 127 34.70 12.85 -5.35
C LYS A 127 35.63 12.28 -4.24
N LYS A 128 36.66 13.01 -3.83
CA LYS A 128 37.49 12.53 -2.75
C LYS A 128 36.62 12.33 -1.54
N ALA A 129 35.80 13.32 -1.26
CA ALA A 129 34.89 13.20 -0.15
C ALA A 129 34.03 11.98 -0.21
N LEU A 130 33.50 11.63 -1.39
CA LEU A 130 32.68 10.41 -1.41
C LEU A 130 33.50 9.20 -0.88
N TYR A 131 34.71 9.07 -1.45
CA TYR A 131 35.59 7.94 -1.12
C TYR A 131 36.07 7.93 0.35
N LEU A 132 36.29 9.09 0.96
CA LEU A 132 36.58 9.15 2.36
C LEU A 132 35.38 8.68 3.09
N GLY A 133 34.17 9.00 2.59
CA GLY A 133 32.95 8.49 3.21
C GLY A 133 32.91 6.97 3.18
N ILE A 134 33.20 6.44 2.03
CA ILE A 134 32.99 5.07 1.79
C ILE A 134 33.98 4.32 2.70
N GLU A 135 35.16 4.86 2.95
CA GLU A 135 36.16 4.25 3.84
C GLU A 135 35.57 4.01 5.24
N GLN A 136 34.75 4.94 5.73
CA GLN A 136 34.13 4.81 7.02
C GLN A 136 32.98 3.82 7.06
N ALA A 137 32.60 3.25 5.93
CA ALA A 137 31.44 2.38 5.97
C ALA A 137 31.84 0.91 6.30
N GLN A 138 32.38 0.70 7.49
CA GLN A 138 32.82 -0.65 7.89
C GLN A 138 31.80 -1.26 8.83
N VAL A 139 31.72 -2.58 8.87
CA VAL A 139 30.83 -3.17 9.90
C VAL A 139 31.31 -2.78 11.32
N GLY A 140 30.38 -2.45 12.19
CA GLY A 140 30.75 -1.86 13.47
C GLY A 140 30.94 -0.35 13.57
N ASN A 141 31.34 0.36 12.49
CA ASN A 141 31.42 1.81 12.64
C ASN A 141 30.02 2.33 12.68
N ARG A 142 29.86 3.59 13.00
CA ARG A 142 28.55 4.13 13.08
C ARG A 142 28.34 5.17 11.99
N ILE A 143 27.08 5.47 11.71
CA ILE A 143 26.67 6.34 10.63
C ILE A 143 27.34 7.71 10.70
N GLY A 144 27.49 8.29 11.88
CA GLY A 144 28.16 9.58 12.03
C GLY A 144 29.64 9.55 11.63
N ASP A 145 30.26 8.36 11.54
CA ASP A 145 31.63 8.34 11.13
C ASP A 145 31.73 8.77 9.64
N ILE A 146 30.69 8.41 8.88
CA ILE A 146 30.67 8.70 7.47
C ILE A 146 30.48 10.20 7.34
N GLY A 147 29.58 10.81 8.08
CA GLY A 147 29.37 12.26 7.98
C GLY A 147 30.60 13.05 8.39
N HIS A 148 31.31 12.53 9.43
CA HIS A 148 32.47 13.23 9.99
C HIS A 148 33.63 13.16 9.03
N ALA A 149 33.89 12.00 8.44
CA ALA A 149 34.93 11.99 7.44
C ALA A 149 34.68 13.06 6.30
N ILE A 150 33.42 13.22 5.87
CA ILE A 150 33.11 14.06 4.70
C ILE A 150 33.17 15.50 5.05
N GLN A 151 32.51 15.85 6.14
CA GLN A 151 32.42 17.25 6.52
C GLN A 151 33.78 17.88 6.82
N THR A 152 34.63 17.15 7.55
CA THR A 152 35.93 17.64 7.93
C THR A 152 36.74 17.90 6.69
N TYR A 153 36.73 16.96 5.75
CA TYR A 153 37.50 17.19 4.59
C TYR A 153 36.90 18.35 3.73
N VAL A 154 35.60 18.31 3.48
CA VAL A 154 34.95 19.33 2.56
C VAL A 154 35.15 20.75 3.10
N GLU A 155 34.76 20.95 4.35
CA GLU A 155 34.99 22.21 5.07
C GLU A 155 36.44 22.66 5.15
N GLY A 156 37.37 21.72 5.19
CA GLY A 156 38.77 22.13 5.23
C GLY A 156 39.21 22.70 3.88
N GLU A 157 38.48 22.34 2.81
CA GLU A 157 38.77 22.93 1.49
C GLU A 157 38.02 24.20 1.22
N GLY A 158 37.24 24.67 2.18
CA GLY A 158 36.53 25.94 1.97
C GLY A 158 35.09 25.82 1.47
N TYR A 159 34.54 24.62 1.42
CA TYR A 159 33.20 24.41 0.80
C TYR A 159 32.16 24.08 1.85
N GLY A 160 30.86 24.14 1.48
CA GLY A 160 29.70 23.80 2.38
C GLY A 160 29.20 22.38 2.05
N VAL A 161 28.78 21.61 3.05
CA VAL A 161 28.33 20.24 2.82
C VAL A 161 26.83 20.36 2.94
N VAL A 162 26.09 20.05 1.85
CA VAL A 162 24.64 20.24 1.91
C VAL A 162 24.08 19.46 3.11
N ARG A 163 22.99 19.94 3.68
CA ARG A 163 22.46 19.32 4.89
C ARG A 163 21.07 18.78 4.74
N ASP A 164 20.32 19.42 3.84
CA ASP A 164 18.89 19.10 3.64
C ASP A 164 18.65 17.82 2.88
N PHE A 165 19.70 17.19 2.33
CA PHE A 165 19.58 15.91 1.62
C PHE A 165 20.63 14.97 2.12
N VAL A 166 20.37 13.67 2.11
CA VAL A 166 21.22 12.76 2.79
C VAL A 166 21.22 11.45 2.04
N GLY A 167 22.22 10.59 2.26
CA GLY A 167 22.21 9.24 1.73
C GLY A 167 21.17 8.38 2.45
N HIS A 168 21.01 7.13 2.04
CA HIS A 168 19.92 6.34 2.52
C HIS A 168 20.16 4.89 2.23
N GLY A 169 19.38 4.04 2.90
CA GLY A 169 19.33 2.65 2.51
C GLY A 169 18.70 2.48 1.14
N ILE A 170 18.90 1.31 0.58
CA ILE A 170 18.27 0.90 -0.67
CA ILE A 170 18.25 0.91 -0.68
C ILE A 170 17.90 -0.58 -0.61
N GLY A 171 16.78 -0.93 -1.23
CA GLY A 171 16.34 -2.32 -1.28
C GLY A 171 15.24 -2.45 -0.24
N PRO A 172 14.02 -2.73 -0.68
CA PRO A 172 13.50 -3.03 -1.99
C PRO A 172 13.12 -1.82 -2.91
N THR A 173 13.07 -0.60 -2.38
CA THR A 173 12.90 0.61 -3.23
C THR A 173 14.19 1.46 -3.31
N ILE A 174 14.09 2.58 -4.00
CA ILE A 174 15.22 3.41 -4.22
C ILE A 174 15.54 4.27 -3.00
N HIS A 175 14.68 4.30 -2.03
CA HIS A 175 14.97 5.17 -0.94
C HIS A 175 14.48 4.56 0.37
N GLU A 176 15.37 3.95 1.17
CA GLU A 176 14.96 3.32 2.44
C GLU A 176 15.75 3.98 3.63
N SER A 177 15.28 3.72 4.86
CA SER A 177 16.12 3.89 6.06
C SER A 177 17.33 3.01 5.88
N PRO A 178 18.43 3.33 6.57
CA PRO A 178 18.46 4.56 7.41
C PRO A 178 18.93 5.82 6.66
N MET A 179 18.78 6.98 7.26
CA MET A 179 19.36 8.21 6.73
C MET A 179 20.90 8.14 6.84
N ILE A 180 21.65 8.61 5.81
CA ILE A 180 23.08 8.87 6.00
CA ILE A 180 23.11 8.83 5.91
C ILE A 180 23.53 10.32 5.72
N PRO A 181 23.53 11.13 6.80
CA PRO A 181 23.90 12.50 6.61
C PRO A 181 25.35 12.55 6.19
N HIS A 182 25.72 13.60 5.46
CA HIS A 182 27.10 13.77 5.02
C HIS A 182 27.89 14.72 5.89
N TYR A 183 27.30 15.06 7.01
CA TYR A 183 28.00 15.84 8.10
C TYR A 183 27.61 15.09 9.38
N GLY A 184 28.31 15.34 10.48
CA GLY A 184 28.02 14.58 11.71
C GLY A 184 29.27 14.39 12.57
N GLU A 185 29.17 13.50 13.54
CA GLU A 185 30.25 13.33 14.50
C GLU A 185 30.64 11.90 14.59
N ALA A 186 31.93 11.64 14.59
CA ALA A 186 32.44 10.30 14.65
C ALA A 186 31.87 9.63 15.92
N GLY A 187 31.60 8.33 15.84
CA GLY A 187 31.03 7.57 16.99
C GLY A 187 29.54 7.73 17.31
N LYS A 188 28.79 8.49 16.53
CA LYS A 188 27.34 8.62 16.70
C LYS A 188 26.70 8.23 15.37
N GLY A 189 25.38 8.06 15.17
CA GLY A 189 24.44 7.32 15.94
C GLY A 189 24.45 5.87 15.44
N LEU A 190 23.61 5.51 14.48
CA LEU A 190 23.40 4.09 14.15
C LEU A 190 24.58 3.25 13.64
N ARG A 191 24.63 1.99 14.09
CA ARG A 191 25.75 1.10 13.84
C ARG A 191 25.54 0.31 12.53
N LEU A 192 26.56 0.29 11.69
CA LEU A 192 26.50 -0.38 10.39
C LEU A 192 26.60 -1.88 10.60
N LYS A 193 25.68 -2.65 10.06
CA LYS A 193 25.83 -4.11 10.15
C LYS A 193 25.89 -4.76 8.79
N GLU A 194 26.55 -5.90 8.79
CA GLU A 194 26.68 -6.74 7.62
C GLU A 194 25.31 -6.90 6.94
N GLY A 195 25.30 -6.78 5.62
CA GLY A 195 24.02 -6.94 4.90
C GLY A 195 23.22 -5.66 4.71
N MET A 196 23.64 -4.55 5.31
CA MET A 196 23.04 -3.25 4.95
C MET A 196 23.49 -2.82 3.57
N VAL A 197 22.60 -2.18 2.83
CA VAL A 197 22.98 -1.59 1.56
CA VAL A 197 23.04 -1.56 1.61
C VAL A 197 22.58 -0.15 1.57
N ILE A 198 23.54 0.75 1.32
CA ILE A 198 23.24 2.17 1.41
C ILE A 198 23.84 3.00 0.31
N THR A 199 23.46 4.30 0.25
CA THR A 199 24.15 5.19 -0.68
C THR A 199 24.94 6.16 0.12
N ILE A 200 26.08 6.55 -0.41
CA ILE A 200 26.76 7.73 0.08
C ILE A 200 26.82 8.68 -1.10
N GLU A 201 26.40 9.92 -0.82
CA GLU A 201 26.17 10.84 -1.95
C GLU A 201 26.32 12.32 -1.59
N PRO A 202 27.50 12.75 -1.11
CA PRO A 202 27.65 14.12 -0.66
C PRO A 202 27.35 15.13 -1.82
N MET A 203 26.77 16.24 -1.44
CA MET A 203 26.47 17.34 -2.33
C MET A 203 27.28 18.46 -1.70
N VAL A 204 28.14 19.10 -2.49
CA VAL A 204 29.16 20.02 -2.01
C VAL A 204 28.99 21.36 -2.76
N ASN A 205 28.89 22.48 -2.04
CA ASN A 205 28.64 23.77 -2.66
C ASN A 205 29.88 24.65 -2.49
N THR A 206 30.17 25.53 -3.43
CA THR A 206 31.31 26.38 -3.36
C THR A 206 31.15 27.42 -2.24
N GLY A 207 29.92 27.70 -1.79
CA GLY A 207 29.72 28.80 -0.81
C GLY A 207 28.87 28.25 0.34
N THR A 208 27.70 28.82 0.64
CA THR A 208 26.94 28.29 1.79
C THR A 208 26.43 26.87 1.49
N TRP A 209 26.17 26.11 2.54
CA TRP A 209 25.55 24.79 2.41
C TRP A 209 23.98 24.90 2.29
N ARG A 210 23.43 26.09 2.50
CA ARG A 210 21.95 26.31 2.43
C ARG A 210 21.36 26.27 1.02
N MET A 211 20.07 25.95 0.96
CA MET A 211 19.40 25.65 -0.32
C MET A 211 18.07 26.37 -0.28
N LYS A 212 17.47 26.56 -1.47
CA LYS A 212 16.05 26.95 -1.61
C LYS A 212 15.40 26.06 -2.60
N MET A 213 14.09 25.87 -2.44
CA MET A 213 13.38 24.94 -3.28
C MET A 213 12.74 25.63 -4.49
N ASP A 214 12.77 24.96 -5.63
CA ASP A 214 11.97 25.36 -6.79
C ASP A 214 10.43 25.24 -6.52
N PRO A 215 9.58 26.02 -7.25
CA PRO A 215 8.11 25.81 -7.13
C PRO A 215 7.65 24.36 -7.48
N ASN A 216 8.44 23.63 -8.26
CA ASN A 216 8.05 22.28 -8.64
C ASN A 216 8.13 21.31 -7.46
N GLY A 217 8.55 21.76 -6.29
CA GLY A 217 8.52 20.82 -5.19
C GLY A 217 9.71 19.85 -5.14
N TRP A 218 10.52 19.79 -6.20
CA TRP A 218 11.64 18.80 -6.31
C TRP A 218 13.03 19.43 -6.35
N THR A 219 13.25 20.37 -7.27
CA THR A 219 14.59 20.85 -7.55
C THR A 219 15.11 21.80 -6.49
N ALA A 220 16.36 21.58 -6.02
CA ALA A 220 16.96 22.54 -5.09
C ALA A 220 18.15 23.31 -5.69
N TYR A 221 18.18 24.60 -5.33
CA TYR A 221 19.21 25.57 -5.70
C TYR A 221 20.07 25.99 -4.54
N THR A 222 21.35 26.23 -4.78
CA THR A 222 22.09 26.84 -3.71
C THR A 222 21.53 28.23 -3.37
N GLU A 223 21.63 28.59 -2.09
CA GLU A 223 21.04 29.84 -1.61
C GLU A 223 21.84 31.05 -2.07
N ASP A 224 23.07 30.86 -2.47
CA ASP A 224 23.92 31.99 -2.85
C ASP A 224 24.30 31.97 -4.30
N GLY A 225 23.84 30.98 -5.01
CA GLY A 225 24.24 30.90 -6.39
C GLY A 225 25.55 30.17 -6.58
N GLY A 226 26.19 29.61 -5.54
CA GLY A 226 27.42 28.87 -5.83
C GLY A 226 27.06 27.59 -6.55
N LEU A 227 28.00 27.07 -7.33
CA LEU A 227 27.97 25.78 -7.99
C LEU A 227 27.84 24.66 -7.00
N SER A 228 27.23 23.58 -7.39
CA SER A 228 27.11 22.51 -6.46
C SER A 228 27.54 21.25 -7.19
N CYS A 229 28.01 20.23 -6.46
CA CYS A 229 28.54 19.03 -7.08
C CYS A 229 28.11 17.83 -6.23
N GLN A 230 27.86 16.72 -6.91
CA GLN A 230 27.57 15.51 -6.19
C GLN A 230 28.22 14.22 -6.83
N TYR A 231 28.70 13.32 -6.01
CA TYR A 231 29.04 12.00 -6.51
C TYR A 231 28.44 10.98 -5.59
N GLU A 232 27.98 9.84 -6.14
CA GLU A 232 27.29 8.91 -5.31
C GLU A 232 27.63 7.51 -5.70
N HIS A 233 27.74 6.65 -4.69
CA HIS A 233 27.75 5.20 -4.93
C HIS A 233 26.75 4.47 -4.08
N SER A 234 26.28 3.34 -4.59
CA SER A 234 25.57 2.36 -3.77
C SER A 234 26.61 1.33 -3.23
N LEU A 235 26.49 0.94 -1.96
CA LEU A 235 27.45 -0.06 -1.45
C LEU A 235 26.88 -1.01 -0.41
N ALA A 236 27.42 -2.22 -0.36
CA ALA A 236 26.97 -3.20 0.61
C ALA A 236 27.88 -3.18 1.85
N ILE A 237 27.35 -3.15 3.06
CA ILE A 237 28.26 -3.27 4.23
C ILE A 237 28.67 -4.74 4.38
N THR A 238 29.94 -5.06 4.22
CA THR A 238 30.35 -6.47 4.42
C THR A 238 31.55 -6.66 5.41
N LYS A 239 31.78 -7.91 5.86
CA LYS A 239 32.87 -8.21 6.82
C LYS A 239 34.17 -7.82 6.16
N GLU A 240 34.29 -8.16 4.85
CA GLU A 240 35.37 -7.68 3.94
CA GLU A 240 35.46 -7.70 4.10
C GLU A 240 35.50 -6.15 3.88
N GLY A 241 34.55 -5.40 4.43
N GLY A 241 34.46 -5.46 4.35
CA GLY A 241 34.53 -3.95 4.14
CA GLY A 241 34.35 -4.01 4.19
C GLY A 241 33.63 -3.59 2.93
C GLY A 241 33.26 -3.56 3.21
N PRO A 242 33.29 -2.28 2.80
CA PRO A 242 32.32 -1.74 1.80
C PRO A 242 32.53 -2.32 0.39
N ARG A 243 31.52 -2.92 -0.21
CA ARG A 243 31.62 -3.35 -1.57
C ARG A 243 30.81 -2.35 -2.42
N ILE A 244 31.50 -1.69 -3.33
CA ILE A 244 30.90 -0.63 -4.11
C ILE A 244 30.11 -1.34 -5.19
N LEU A 245 28.80 -1.21 -5.15
CA LEU A 245 28.00 -1.86 -6.21
C LEU A 245 27.90 -1.15 -7.57
N THR A 246 28.27 0.12 -7.65
CA THR A 246 28.07 0.93 -8.88
C THR A 246 29.38 1.48 -9.44
N SER A 247 30.44 0.73 -9.18
CA SER A 247 31.80 1.12 -9.55
C SER A 247 31.91 1.11 -11.06
N GLN A 248 32.62 2.06 -11.65
CA GLN A 248 32.70 2.13 -13.12
C GLN A 248 34.03 1.58 -13.63
N GLY A 249 34.86 1.14 -12.69
CA GLY A 249 36.24 0.70 -13.00
C GLY A 249 37.08 0.95 -11.77
N GLU A 250 38.37 1.23 -11.94
CA GLU A 250 39.25 1.43 -10.77
C GLU A 250 38.96 2.75 -10.05
N GLU A 251 38.86 2.71 -8.72
CA GLU A 251 38.34 3.87 -7.98
C GLU A 251 39.22 5.12 -8.17
N LEU A 252 38.62 6.28 -8.40
CA LEU A 252 39.37 7.53 -8.60
C LEU A 252 40.00 7.67 -9.99
N THR A 253 39.95 6.60 -10.77
CA THR A 253 40.21 6.61 -12.22
C THR A 253 39.18 7.38 -13.07
N TYR A 254 37.98 7.60 -12.53
CA TYR A 254 36.92 8.14 -13.35
C TYR A 254 36.10 9.09 -12.53
N MET B 1 -23.26 -10.30 -0.78
CA MET B 1 -22.20 -10.27 -1.79
C MET B 1 -20.86 -10.32 -1.06
N ILE B 2 -20.48 -9.22 -0.38
CA ILE B 2 -19.15 -9.03 0.15
C ILE B 2 -19.07 -9.31 1.63
N THR B 3 -18.25 -10.27 2.02
CA THR B 3 -18.19 -10.65 3.43
C THR B 3 -16.94 -10.04 3.97
N LEU B 4 -16.94 -9.69 5.24
CA LEU B 4 -15.75 -9.26 5.89
C LEU B 4 -15.33 -10.43 6.74
N LYS B 5 -14.04 -10.53 6.97
CA LYS B 5 -13.44 -11.70 7.55
C LYS B 5 -12.92 -11.38 8.92
N SER B 6 -12.96 -12.34 9.83
CA SER B 6 -12.60 -12.13 11.19
C SER B 6 -11.11 -12.31 11.29
N PRO B 7 -10.51 -11.86 12.38
CA PRO B 7 -9.07 -12.06 12.55
C PRO B 7 -8.62 -13.54 12.48
N ARG B 8 -9.49 -14.45 12.87
CA ARG B 8 -9.21 -15.89 12.83
C ARG B 8 -9.23 -16.35 11.34
N GLU B 9 -10.27 -16.00 10.59
CA GLU B 9 -10.37 -16.32 9.18
C GLU B 9 -9.15 -15.79 8.39
N ILE B 10 -8.76 -14.54 8.67
CA ILE B 10 -7.56 -13.95 8.12
C ILE B 10 -6.36 -14.77 8.43
N GLU B 11 -6.13 -15.15 9.69
CA GLU B 11 -4.95 -15.99 9.96
C GLU B 11 -4.97 -17.31 9.17
N MET B 12 -6.16 -17.84 8.93
CA MET B 12 -6.27 -19.11 8.24
C MET B 12 -6.05 -18.88 6.76
N MET B 13 -6.52 -17.73 6.23
CA MET B 13 -6.19 -17.38 4.84
C MET B 13 -4.67 -17.15 4.67
N ASP B 14 -4.04 -16.62 5.71
CA ASP B 14 -2.59 -16.50 5.76
C ASP B 14 -1.90 -17.85 5.63
N GLU B 15 -2.36 -18.85 6.39
CA GLU B 15 -1.71 -20.20 6.40
CA GLU B 15 -1.71 -20.17 6.40
C GLU B 15 -1.97 -20.89 5.05
N SER B 16 -3.12 -20.60 4.47
CA SER B 16 -3.57 -21.12 3.21
C SER B 16 -2.74 -20.44 2.10
N GLY B 17 -2.49 -19.13 2.23
CA GLY B 17 -1.51 -18.44 1.38
C GLY B 17 -0.09 -18.95 1.51
N GLU B 18 0.28 -19.31 2.73
CA GLU B 18 1.62 -19.84 2.90
C GLU B 18 1.85 -21.18 2.13
N LEU B 19 0.86 -22.03 2.09
CA LEU B 19 0.99 -23.29 1.36
C LEU B 19 1.13 -22.93 -0.14
N LEU B 20 0.38 -21.94 -0.61
CA LEU B 20 0.38 -21.57 -2.01
C LEU B 20 1.75 -20.95 -2.33
N ALA B 21 2.21 -20.08 -1.42
CA ALA B 21 3.56 -19.46 -1.55
C ALA B 21 4.60 -20.54 -1.63
N ASP B 22 4.51 -21.56 -0.77
CA ASP B 22 5.46 -22.71 -0.82
C ASP B 22 5.49 -23.49 -2.12
N VAL B 23 4.34 -23.65 -2.74
CA VAL B 23 4.34 -24.28 -4.06
C VAL B 23 5.19 -23.47 -5.01
N HIS B 24 4.94 -22.16 -5.07
CA HIS B 24 5.65 -21.24 -5.94
C HIS B 24 7.15 -21.24 -5.74
N ARG B 25 7.60 -21.23 -4.47
CA ARG B 25 9.03 -21.39 -4.18
C ARG B 25 9.56 -22.68 -4.78
N HIS B 26 8.79 -23.78 -4.75
CA HIS B 26 9.37 -24.98 -5.33
C HIS B 26 9.37 -24.89 -6.83
N LEU B 27 8.44 -24.10 -7.40
CA LEU B 27 8.32 -24.05 -8.88
C LEU B 27 9.53 -23.41 -9.48
N ARG B 28 10.20 -22.57 -8.67
CA ARG B 28 11.37 -21.80 -9.15
C ARG B 28 12.42 -22.77 -9.67
N THR B 29 12.59 -23.91 -9.01
CA THR B 29 13.59 -24.85 -9.48
C THR B 29 12.95 -25.98 -10.30
N PHE B 30 11.65 -26.17 -10.18
CA PHE B 30 11.00 -27.18 -11.03
C PHE B 30 10.88 -26.73 -12.51
N ILE B 31 10.61 -25.45 -12.72
CA ILE B 31 10.27 -25.02 -14.07
CA ILE B 31 10.28 -25.00 -14.07
C ILE B 31 11.49 -24.81 -14.92
N LYS B 32 11.62 -25.68 -15.91
CA LYS B 32 12.76 -25.58 -16.78
C LYS B 32 12.51 -26.10 -18.20
N PRO B 33 13.43 -25.81 -19.09
CA PRO B 33 13.19 -26.26 -20.48
C PRO B 33 13.07 -27.83 -20.55
N GLY B 34 12.13 -28.33 -21.35
CA GLY B 34 11.94 -29.78 -21.54
C GLY B 34 10.81 -30.42 -20.72
N ILE B 35 10.36 -29.76 -19.66
CA ILE B 35 9.14 -30.18 -19.05
C ILE B 35 7.93 -29.63 -19.80
N THR B 36 6.77 -30.19 -19.49
CA THR B 36 5.56 -29.67 -20.07
C THR B 36 4.83 -28.90 -18.99
N SER B 37 3.82 -28.15 -19.38
CA SER B 37 3.05 -27.47 -18.37
C SER B 37 2.11 -28.48 -17.72
N TRP B 38 1.75 -29.55 -18.39
CA TRP B 38 1.11 -30.68 -17.62
C TRP B 38 1.92 -31.16 -16.40
N ASP B 39 3.26 -31.19 -16.51
CA ASP B 39 4.09 -31.66 -15.37
C ASP B 39 3.93 -30.73 -14.20
N ILE B 40 3.64 -29.45 -14.49
CA ILE B 40 3.45 -28.44 -13.46
C ILE B 40 2.08 -28.69 -12.79
N GLU B 41 1.01 -28.95 -13.55
CA GLU B 41 -0.29 -29.18 -12.95
C GLU B 41 -0.20 -30.37 -11.96
N VAL B 42 0.48 -31.44 -12.37
CA VAL B 42 0.65 -32.69 -11.57
C VAL B 42 1.42 -32.41 -10.30
N PHE B 43 2.51 -31.68 -10.45
CA PHE B 43 3.35 -31.30 -9.34
C PHE B 43 2.59 -30.38 -8.37
N VAL B 44 1.91 -29.34 -8.89
CA VAL B 44 1.17 -28.44 -8.01
C VAL B 44 -0.03 -29.16 -7.31
N ARG B 45 -0.81 -29.88 -8.10
CA ARG B 45 -1.93 -30.53 -7.48
C ARG B 45 -1.44 -31.51 -6.37
N ASP B 46 -0.46 -32.35 -6.66
CA ASP B 46 0.04 -33.29 -5.67
CA ASP B 46 -0.05 -33.27 -5.64
C ASP B 46 0.54 -32.48 -4.46
N PHE B 47 1.13 -31.34 -4.70
CA PHE B 47 1.72 -30.63 -3.55
C PHE B 47 0.65 -30.08 -2.64
N ILE B 48 -0.33 -29.41 -3.24
CA ILE B 48 -1.41 -28.85 -2.46
C ILE B 48 -2.14 -29.99 -1.67
N GLU B 49 -2.51 -31.07 -2.34
CA GLU B 49 -3.25 -32.17 -1.74
C GLU B 49 -2.48 -32.86 -0.62
N SER B 50 -1.19 -33.01 -0.78
CA SER B 50 -0.45 -33.85 0.12
C SER B 50 -0.23 -33.01 1.37
N HIS B 51 -0.48 -31.71 1.27
CA HIS B 51 -0.42 -30.90 2.44
C HIS B 51 -1.77 -30.65 3.04
N GLY B 52 -2.80 -31.36 2.59
CA GLY B 52 -4.12 -31.21 3.16
C GLY B 52 -4.97 -30.17 2.49
N GLY B 53 -4.48 -29.52 1.44
CA GLY B 53 -5.35 -28.54 0.85
C GLY B 53 -6.20 -29.08 -0.30
N VAL B 54 -7.21 -28.34 -0.67
CA VAL B 54 -8.00 -28.76 -1.82
C VAL B 54 -7.58 -27.82 -2.97
N ALA B 55 -7.41 -28.34 -4.18
CA ALA B 55 -7.06 -27.38 -5.27
C ALA B 55 -8.35 -26.69 -5.80
N ALA B 56 -8.64 -25.50 -5.30
CA ALA B 56 -9.93 -24.88 -5.40
C ALA B 56 -10.39 -24.52 -6.78
N GLN B 57 -9.52 -24.52 -7.79
CA GLN B 57 -10.02 -24.15 -9.12
C GLN B 57 -10.71 -25.30 -9.78
N ILE B 58 -10.46 -26.51 -9.30
CA ILE B 58 -11.06 -27.65 -9.93
C ILE B 58 -12.54 -27.56 -9.59
N GLY B 59 -13.39 -27.50 -10.61
CA GLY B 59 -14.85 -27.49 -10.39
C GLY B 59 -15.41 -26.11 -10.61
N TYR B 60 -14.59 -25.07 -10.49
CA TYR B 60 -15.10 -23.73 -10.57
C TYR B 60 -15.62 -23.40 -11.98
N GLU B 61 -16.92 -23.16 -12.11
CA GLU B 61 -17.56 -23.01 -13.39
C GLU B 61 -17.14 -24.11 -14.36
N GLY B 62 -16.92 -25.31 -13.84
CA GLY B 62 -16.58 -26.42 -14.71
C GLY B 62 -15.11 -26.55 -15.09
N TYR B 63 -14.23 -25.64 -14.68
CA TYR B 63 -12.80 -25.78 -14.89
C TYR B 63 -12.28 -27.11 -14.32
N LYS B 64 -11.28 -27.71 -14.97
CA LYS B 64 -10.86 -29.04 -14.63
C LYS B 64 -9.56 -29.19 -13.87
N TYR B 65 -8.76 -28.13 -13.73
CA TYR B 65 -7.39 -28.33 -13.23
C TYR B 65 -7.10 -27.56 -12.00
N ALA B 66 -6.08 -28.00 -11.30
CA ALA B 66 -5.62 -27.25 -10.15
C ALA B 66 -5.05 -25.89 -10.62
N THR B 67 -4.61 -25.80 -11.87
CA THR B 67 -3.69 -24.72 -12.27
C THR B 67 -4.23 -24.04 -13.59
N CYS B 68 -3.90 -22.78 -13.87
CA CYS B 68 -3.87 -22.34 -15.25
C CYS B 68 -2.44 -22.07 -15.52
N CYS B 69 -1.98 -22.42 -16.73
CA CYS B 69 -0.60 -22.18 -17.16
C CYS B 69 -0.76 -21.43 -18.46
N SER B 70 -0.24 -20.21 -18.56
CA SER B 70 -0.55 -19.33 -19.66
C SER B 70 0.77 -18.88 -20.16
N ILE B 71 1.11 -19.31 -21.37
CA ILE B 71 2.48 -19.15 -21.93
C ILE B 71 2.47 -17.95 -23.00
N ASN B 72 3.38 -17.00 -22.85
CA ASN B 72 3.71 -16.01 -23.84
C ASN B 72 2.50 -15.14 -24.09
N ASP B 73 1.93 -15.19 -25.31
CA ASP B 73 0.83 -14.28 -25.63
C ASP B 73 -0.48 -14.76 -25.05
N GLU B 74 -0.47 -15.85 -24.28
CA GLU B 74 -1.67 -16.25 -23.53
C GLU B 74 -1.73 -15.38 -22.30
N ILE B 75 -2.83 -14.66 -22.14
CA ILE B 75 -2.96 -13.73 -21.02
C ILE B 75 -3.26 -14.48 -19.74
N CYS B 76 -4.28 -15.34 -19.81
CA CYS B 76 -4.78 -16.02 -18.62
C CYS B 76 -5.61 -17.24 -18.99
N HIS B 77 -5.88 -18.05 -17.99
CA HIS B 77 -6.70 -19.22 -18.15
C HIS B 77 -6.25 -20.20 -19.21
N GLY B 78 -4.93 -20.26 -19.47
CA GLY B 78 -4.37 -21.28 -20.32
C GLY B 78 -4.44 -22.58 -19.53
N PHE B 79 -4.72 -23.68 -20.23
CA PHE B 79 -4.81 -25.01 -19.55
C PHE B 79 -3.43 -25.63 -19.43
N PRO B 80 -3.17 -26.33 -18.37
CA PRO B 80 -1.94 -27.14 -18.42
C PRO B 80 -2.06 -28.22 -19.54
N ARG B 81 -1.01 -28.43 -20.31
CA ARG B 81 -1.05 -29.42 -21.37
C ARG B 81 0.29 -30.15 -21.62
N LYS B 82 0.25 -31.26 -22.35
CA LYS B 82 1.52 -31.97 -22.56
C LYS B 82 2.30 -31.42 -23.76
N LYS B 83 2.60 -30.14 -23.67
CA LYS B 83 3.39 -29.48 -24.68
C LYS B 83 4.67 -29.05 -24.00
N VAL B 84 5.82 -29.20 -24.66
CA VAL B 84 7.08 -28.79 -24.07
C VAL B 84 7.35 -27.28 -23.87
N LEU B 85 7.82 -26.87 -22.66
CA LEU B 85 8.30 -25.53 -22.37
C LEU B 85 9.76 -25.38 -22.85
N LYS B 86 10.04 -24.25 -23.52
CA LYS B 86 11.35 -23.95 -24.16
CA LYS B 86 11.32 -23.91 -24.20
C LYS B 86 12.01 -22.73 -23.52
N ASP B 87 13.33 -22.60 -23.70
CA ASP B 87 14.04 -21.42 -23.30
C ASP B 87 13.34 -20.15 -23.79
N GLY B 88 13.20 -19.15 -22.90
CA GLY B 88 12.53 -17.91 -23.32
C GLY B 88 11.01 -17.91 -23.19
N ASP B 89 10.38 -19.05 -22.88
CA ASP B 89 8.92 -18.99 -22.70
C ASP B 89 8.60 -18.26 -21.42
N LEU B 90 7.55 -17.49 -21.43
CA LEU B 90 7.17 -16.74 -20.25
C LEU B 90 5.86 -17.40 -19.78
N ILE B 91 5.85 -18.08 -18.64
CA ILE B 91 4.63 -18.82 -18.24
C ILE B 91 4.06 -18.22 -16.97
N LYS B 92 2.76 -17.92 -16.99
CA LYS B 92 2.07 -17.53 -15.77
C LYS B 92 1.42 -18.75 -15.15
N VAL B 93 1.81 -19.09 -13.92
CA VAL B 93 1.17 -20.18 -13.21
C VAL B 93 0.20 -19.68 -12.16
N ASP B 94 -1.08 -19.89 -12.40
CA ASP B 94 -2.10 -19.42 -11.49
C ASP B 94 -2.68 -20.66 -10.71
N MET B 95 -2.88 -20.55 -9.39
CA MET B 95 -3.46 -21.64 -8.56
C MET B 95 -4.21 -21.03 -7.39
N CYS B 96 -5.12 -21.81 -6.82
CA CYS B 96 -5.92 -21.41 -5.69
C CYS B 96 -5.91 -22.56 -4.72
N VAL B 97 -5.93 -22.23 -3.44
CA VAL B 97 -5.89 -23.28 -2.43
C VAL B 97 -7.07 -23.07 -1.49
N ASP B 98 -7.79 -24.14 -1.17
CA ASP B 98 -8.72 -24.11 -0.06
C ASP B 98 -8.12 -25.00 1.02
N LEU B 99 -7.66 -24.39 2.11
CA LEU B 99 -7.00 -25.12 3.17
C LEU B 99 -7.92 -25.04 4.37
N LYS B 100 -8.69 -26.10 4.66
CA LYS B 100 -9.60 -26.08 5.83
C LYS B 100 -10.70 -25.00 5.74
N GLY B 101 -11.09 -24.60 4.55
CA GLY B 101 -12.14 -23.62 4.44
C GLY B 101 -11.57 -22.24 4.12
N ALA B 102 -10.25 -22.05 4.26
CA ALA B 102 -9.63 -20.76 3.95
C ALA B 102 -9.02 -20.68 2.53
N ILE B 103 -9.52 -19.74 1.72
CA ILE B 103 -9.14 -19.60 0.36
C ILE B 103 -7.93 -18.65 0.17
N SER B 104 -7.05 -18.96 -0.80
CA SER B 104 -6.09 -17.99 -1.28
C SER B 104 -5.84 -18.31 -2.75
N ASP B 105 -5.44 -17.26 -3.49
CA ASP B 105 -5.29 -17.24 -4.95
C ASP B 105 -3.94 -16.57 -5.23
N SER B 106 -3.13 -17.10 -6.15
CA SER B 106 -1.89 -16.39 -6.48
C SER B 106 -1.37 -16.84 -7.81
N CYS B 107 -1.25 -15.93 -8.76
CA CYS B 107 -0.59 -16.25 -10.00
C CYS B 107 0.80 -15.66 -9.92
N TRP B 108 1.82 -16.42 -10.37
CA TRP B 108 3.15 -15.86 -10.53
C TRP B 108 3.71 -16.18 -11.94
N SER B 109 4.64 -15.36 -12.44
CA SER B 109 5.30 -15.54 -13.68
C SER B 109 6.72 -16.12 -13.58
N TYR B 110 7.10 -16.94 -14.55
CA TYR B 110 8.46 -17.53 -14.57
C TYR B 110 8.94 -17.45 -16.01
N VAL B 111 10.23 -17.17 -16.21
CA VAL B 111 10.78 -17.26 -17.58
C VAL B 111 11.39 -18.64 -17.56
N VAL B 112 11.21 -19.41 -18.61
CA VAL B 112 11.78 -20.75 -18.67
C VAL B 112 13.19 -20.67 -19.26
N GLY B 113 14.18 -21.17 -18.50
CA GLY B 113 15.58 -21.09 -19.02
C GLY B 113 16.07 -19.65 -19.33
N GLU B 114 16.64 -19.43 -20.49
CA GLU B 114 17.30 -18.15 -20.80
C GLU B 114 16.26 -17.10 -21.16
N SER B 115 16.26 -15.95 -20.51
CA SER B 115 15.36 -14.89 -20.99
C SER B 115 15.99 -13.85 -21.81
N THR B 116 15.26 -12.78 -22.02
CA THR B 116 15.66 -11.70 -22.90
C THR B 116 15.40 -10.37 -22.19
N PRO B 117 16.08 -9.31 -22.63
CA PRO B 117 15.83 -7.95 -22.10
C PRO B 117 14.36 -7.67 -22.08
N GLU B 118 13.70 -8.02 -23.16
CA GLU B 118 12.28 -7.70 -23.32
C GLU B 118 11.44 -8.38 -22.19
N ILE B 119 11.72 -9.65 -21.92
CA ILE B 119 10.98 -10.42 -20.92
C ILE B 119 11.35 -10.01 -19.50
N ASP B 120 12.64 -9.79 -19.27
CA ASP B 120 13.02 -9.31 -17.94
C ASP B 120 12.39 -7.97 -17.67
N ARG B 121 12.25 -7.14 -18.71
CA ARG B 121 11.71 -5.78 -18.42
C ARG B 121 10.20 -5.87 -18.14
N LEU B 122 9.46 -6.59 -19.02
CA LEU B 122 8.06 -6.85 -18.77
C LEU B 122 7.72 -7.40 -17.36
N MET B 123 8.48 -8.40 -16.92
CA MET B 123 8.33 -9.08 -15.63
CA MET B 123 8.24 -9.05 -15.62
C MET B 123 8.40 -8.07 -14.49
N GLU B 124 9.50 -7.31 -14.46
CA GLU B 124 9.72 -6.35 -13.39
C GLU B 124 8.72 -5.20 -13.45
N VAL B 125 8.29 -4.77 -14.65
CA VAL B 125 7.26 -3.72 -14.65
C VAL B 125 5.95 -4.26 -14.10
N THR B 126 5.61 -5.50 -14.44
CA THR B 126 4.35 -6.04 -14.00
C THR B 126 4.30 -6.28 -12.51
N LYS B 127 5.38 -6.85 -12.01
CA LYS B 127 5.59 -7.07 -10.55
C LYS B 127 5.57 -5.75 -9.75
N LYS B 128 6.25 -4.73 -10.27
CA LYS B 128 6.24 -3.43 -9.62
C LYS B 128 4.82 -2.85 -9.62
N ALA B 129 4.12 -3.01 -10.75
CA ALA B 129 2.71 -2.60 -10.85
C ALA B 129 1.84 -3.26 -9.76
N LEU B 130 2.02 -4.57 -9.61
CA LEU B 130 1.32 -5.32 -8.54
C LEU B 130 1.45 -4.60 -7.20
N TYR B 131 2.68 -4.37 -6.81
CA TYR B 131 2.91 -3.85 -5.46
C TYR B 131 2.53 -2.36 -5.40
N LEU B 132 2.47 -1.68 -6.54
CA LEU B 132 1.95 -0.29 -6.53
C LEU B 132 0.49 -0.34 -6.30
N GLY B 133 -0.18 -1.36 -6.87
CA GLY B 133 -1.60 -1.46 -6.61
C GLY B 133 -1.86 -1.75 -5.15
N ILE B 134 -1.13 -2.69 -4.59
CA ILE B 134 -1.24 -3.09 -3.17
C ILE B 134 -1.14 -1.92 -2.15
N GLU B 135 -0.13 -1.09 -2.35
CA GLU B 135 0.06 0.20 -1.66
C GLU B 135 -1.26 1.02 -1.64
N GLN B 136 -2.16 0.85 -2.59
CA GLN B 136 -3.37 1.67 -2.58
C GLN B 136 -4.54 0.96 -1.89
N ALA B 137 -4.29 -0.25 -1.42
CA ALA B 137 -5.38 -1.03 -0.86
C ALA B 137 -5.45 -0.72 0.65
N GLN B 138 -5.72 0.54 1.00
CA GLN B 138 -5.74 0.97 2.41
C GLN B 138 -7.21 1.13 2.77
N VAL B 139 -7.54 0.92 4.07
CA VAL B 139 -8.92 1.22 4.56
C VAL B 139 -9.27 2.67 4.24
N GLY B 140 -10.43 2.91 3.66
CA GLY B 140 -10.80 4.28 3.25
C GLY B 140 -10.63 4.50 1.75
N ASN B 141 -9.59 3.90 1.17
CA ASN B 141 -9.37 4.12 -0.23
C ASN B 141 -10.44 3.51 -1.09
N ARG B 142 -10.60 4.03 -2.28
CA ARG B 142 -11.57 3.53 -3.21
C ARG B 142 -10.88 2.58 -4.21
N ILE B 143 -11.62 1.58 -4.66
CA ILE B 143 -11.11 0.57 -5.50
C ILE B 143 -10.37 1.21 -6.72
N GLY B 144 -10.88 2.32 -7.25
CA GLY B 144 -10.32 2.98 -8.44
C GLY B 144 -8.91 3.51 -8.18
N ASP B 145 -8.61 3.77 -6.91
CA ASP B 145 -7.29 4.10 -6.52
C ASP B 145 -6.33 3.02 -6.95
N ILE B 146 -6.68 1.75 -6.71
CA ILE B 146 -5.79 0.67 -7.03
C ILE B 146 -5.52 0.70 -8.53
N GLY B 147 -6.60 0.83 -9.30
CA GLY B 147 -6.58 0.73 -10.75
C GLY B 147 -5.80 1.88 -11.36
N HIS B 148 -5.91 3.04 -10.74
CA HIS B 148 -5.29 4.23 -11.32
C HIS B 148 -3.82 4.17 -11.15
N ALA B 149 -3.39 3.71 -9.97
CA ALA B 149 -1.97 3.53 -9.71
C ALA B 149 -1.36 2.56 -10.70
N ILE B 150 -2.05 1.45 -10.99
CA ILE B 150 -1.46 0.44 -11.83
C ILE B 150 -1.37 0.90 -13.25
N GLN B 151 -2.49 1.38 -13.75
CA GLN B 151 -2.56 1.94 -15.11
C GLN B 151 -1.54 3.04 -15.44
N THR B 152 -1.47 4.05 -14.57
CA THR B 152 -0.56 5.19 -14.73
C THR B 152 0.90 4.67 -14.85
N TYR B 153 1.26 3.75 -13.95
CA TYR B 153 2.57 3.26 -13.98
C TYR B 153 2.79 2.38 -15.24
N VAL B 154 1.85 1.55 -15.57
CA VAL B 154 2.04 0.57 -16.68
C VAL B 154 2.06 1.28 -18.04
N GLU B 155 1.09 2.13 -18.26
CA GLU B 155 1.06 3.00 -19.48
C GLU B 155 2.28 3.94 -19.52
N GLY B 156 2.71 4.42 -18.35
CA GLY B 156 3.96 5.17 -18.28
C GLY B 156 5.15 4.41 -18.85
N GLU B 157 5.14 3.09 -18.71
CA GLU B 157 6.28 2.28 -19.21
C GLU B 157 6.07 1.83 -20.62
N GLY B 158 4.96 2.18 -21.27
CA GLY B 158 4.85 1.77 -22.66
C GLY B 158 3.99 0.49 -22.88
N TYR B 159 3.38 -0.04 -21.83
CA TYR B 159 2.69 -1.37 -21.95
C TYR B 159 1.15 -1.14 -21.95
N GLY B 160 0.36 -2.15 -22.31
CA GLY B 160 -1.14 -2.02 -22.24
C GLY B 160 -1.68 -2.76 -21.01
N VAL B 161 -2.70 -2.23 -20.34
CA VAL B 161 -3.22 -2.96 -19.21
C VAL B 161 -4.52 -3.65 -19.54
N VAL B 162 -4.51 -5.00 -19.40
CA VAL B 162 -5.64 -5.79 -19.81
C VAL B 162 -6.88 -5.25 -19.09
N ARG B 163 -7.99 -5.22 -19.81
CA ARG B 163 -9.12 -4.74 -19.09
C ARG B 163 -10.27 -5.70 -18.98
N ASP B 164 -10.19 -6.79 -19.71
CA ASP B 164 -11.28 -7.75 -19.67
C ASP B 164 -11.26 -8.65 -18.47
N PHE B 165 -10.22 -8.61 -17.66
CA PHE B 165 -10.19 -9.46 -16.51
C PHE B 165 -9.81 -8.56 -15.38
N VAL B 166 -10.29 -8.85 -14.16
CA VAL B 166 -10.06 -7.96 -13.03
C VAL B 166 -9.77 -8.76 -11.76
N GLY B 167 -9.35 -8.08 -10.69
CA GLY B 167 -9.07 -8.69 -9.38
C GLY B 167 -10.41 -8.79 -8.67
N HIS B 168 -10.45 -9.43 -7.50
CA HIS B 168 -11.77 -9.72 -6.91
C HIS B 168 -11.68 -10.05 -5.45
N GLY B 169 -12.84 -10.24 -4.82
CA GLY B 169 -12.84 -10.66 -3.43
C GLY B 169 -12.63 -12.15 -3.41
N ILE B 170 -12.24 -12.63 -2.25
CA ILE B 170 -11.92 -14.04 -1.97
C ILE B 170 -12.53 -14.39 -0.63
N GLY B 171 -13.16 -15.58 -0.53
CA GLY B 171 -13.74 -16.10 0.73
C GLY B 171 -15.20 -15.72 0.76
N PRO B 172 -16.13 -16.70 0.82
CA PRO B 172 -15.94 -18.13 0.94
C PRO B 172 -15.49 -18.85 -0.34
N THR B 173 -15.63 -18.26 -1.54
CA THR B 173 -15.11 -18.93 -2.80
C THR B 173 -13.87 -18.26 -3.43
N ILE B 174 -13.37 -18.76 -4.55
CA ILE B 174 -12.21 -18.20 -5.19
C ILE B 174 -12.49 -16.89 -5.95
N HIS B 175 -13.75 -16.54 -6.10
CA HIS B 175 -14.05 -15.40 -6.88
C HIS B 175 -15.30 -14.79 -6.33
N GLU B 176 -15.14 -13.73 -5.55
CA GLU B 176 -16.25 -12.97 -5.01
C GLU B 176 -16.21 -11.51 -5.48
N SER B 177 -17.34 -10.81 -5.36
CA SER B 177 -17.37 -9.32 -5.24
C SER B 177 -16.46 -8.80 -4.13
N PRO B 178 -15.87 -7.59 -4.28
CA PRO B 178 -16.11 -6.73 -5.47
C PRO B 178 -15.15 -7.02 -6.60
N MET B 179 -15.44 -6.48 -7.78
CA MET B 179 -14.57 -6.45 -8.95
CA MET B 179 -14.47 -6.57 -8.84
C MET B 179 -13.40 -5.46 -8.69
N ILE B 180 -12.13 -5.85 -8.90
CA ILE B 180 -11.06 -4.86 -8.85
CA ILE B 180 -11.02 -4.92 -8.81
C ILE B 180 -10.37 -4.63 -10.19
N PRO B 181 -10.87 -3.65 -10.95
CA PRO B 181 -10.24 -3.37 -12.27
C PRO B 181 -8.81 -2.93 -12.07
N HIS B 182 -7.94 -3.19 -13.07
CA HIS B 182 -6.54 -2.75 -12.92
C HIS B 182 -6.26 -1.43 -13.61
N TYR B 183 -7.34 -0.73 -13.95
CA TYR B 183 -7.26 0.58 -14.61
C TYR B 183 -8.46 1.33 -14.09
N GLY B 184 -8.44 2.64 -14.24
CA GLY B 184 -9.57 3.49 -13.82
C GLY B 184 -9.23 4.81 -13.13
N GLU B 185 -10.27 5.57 -12.78
CA GLU B 185 -10.04 6.90 -12.22
C GLU B 185 -9.79 6.65 -10.80
N ALA B 186 -8.64 7.07 -10.34
CA ALA B 186 -8.37 6.91 -8.93
C ALA B 186 -8.70 8.22 -8.45
N GLY B 187 -9.91 8.61 -8.88
CA GLY B 187 -10.69 9.48 -8.15
C GLY B 187 -11.12 8.43 -7.18
N LYS B 188 -12.15 7.72 -7.63
CA LYS B 188 -13.11 7.06 -6.80
C LYS B 188 -13.86 5.91 -7.55
N GLY B 189 -13.99 4.75 -6.88
CA GLY B 189 -15.20 3.82 -6.92
C GLY B 189 -15.57 3.32 -5.48
N LEU B 190 -16.14 2.14 -5.32
CA LEU B 190 -16.46 1.61 -3.96
C LEU B 190 -15.33 1.62 -2.90
N ARG B 191 -15.66 1.88 -1.63
CA ARG B 191 -14.63 2.02 -0.59
C ARG B 191 -14.22 0.74 0.08
N LEU B 192 -12.95 0.64 0.45
CA LEU B 192 -12.44 -0.55 1.07
C LEU B 192 -12.72 -0.56 2.57
N LYS B 193 -13.16 -1.70 3.10
CA LYS B 193 -13.33 -1.85 4.56
C LYS B 193 -12.32 -2.81 5.14
N GLU B 194 -11.85 -2.51 6.33
CA GLU B 194 -11.12 -3.48 7.12
C GLU B 194 -11.86 -4.84 7.13
N GLY B 195 -11.11 -5.94 7.06
CA GLY B 195 -11.76 -7.24 6.98
C GLY B 195 -12.02 -7.71 5.56
N MET B 196 -11.93 -6.81 4.58
CA MET B 196 -12.08 -7.22 3.20
C MET B 196 -10.90 -8.07 2.81
N VAL B 197 -11.11 -9.06 1.97
CA VAL B 197 -9.92 -9.69 1.43
C VAL B 197 -9.97 -9.89 -0.06
N ILE B 198 -8.91 -9.49 -0.74
CA ILE B 198 -9.01 -9.38 -2.16
C ILE B 198 -7.73 -9.83 -2.79
N THR B 199 -7.81 -9.97 -4.13
CA THR B 199 -6.63 -10.19 -4.95
C THR B 199 -6.43 -8.96 -5.83
N ILE B 200 -5.18 -8.67 -6.12
CA ILE B 200 -4.79 -7.73 -7.13
C ILE B 200 -3.93 -8.53 -8.07
N GLU B 201 -4.18 -8.43 -9.37
CA GLU B 201 -3.57 -9.41 -10.29
C GLU B 201 -3.43 -8.84 -11.74
N PRO B 202 -2.64 -7.75 -11.90
CA PRO B 202 -2.62 -7.01 -13.19
C PRO B 202 -2.00 -7.94 -14.16
N MET B 203 -2.54 -7.90 -15.35
CA MET B 203 -2.05 -8.58 -16.58
C MET B 203 -1.60 -7.41 -17.53
N VAL B 204 -0.40 -7.52 -18.10
CA VAL B 204 0.27 -6.45 -18.75
C VAL B 204 0.76 -7.04 -20.05
N ASN B 205 0.38 -6.39 -21.16
CA ASN B 205 0.72 -6.85 -22.51
C ASN B 205 1.85 -5.97 -23.12
N THR B 206 2.68 -6.46 -24.00
CA THR B 206 3.70 -5.55 -24.53
C THR B 206 3.11 -4.51 -25.53
N GLY B 207 2.03 -4.84 -26.23
CA GLY B 207 1.45 -3.96 -27.27
C GLY B 207 0.03 -3.64 -26.85
N THR B 208 -0.96 -4.00 -27.65
CA THR B 208 -2.31 -3.63 -27.26
C THR B 208 -2.79 -4.24 -25.88
N TRP B 209 -3.73 -3.59 -25.23
CA TRP B 209 -4.44 -4.22 -24.12
C TRP B 209 -5.54 -5.26 -24.49
N ARG B 210 -5.93 -5.30 -25.77
CA ARG B 210 -7.02 -6.08 -26.25
C ARG B 210 -6.71 -7.57 -26.24
N MET B 211 -7.78 -8.38 -26.22
CA MET B 211 -7.62 -9.82 -26.20
C MET B 211 -8.56 -10.52 -27.17
N LYS B 212 -8.31 -11.78 -27.53
CA LYS B 212 -9.32 -12.63 -28.21
C LYS B 212 -9.40 -13.92 -27.43
N MET B 213 -10.50 -14.65 -27.54
CA MET B 213 -10.76 -15.81 -26.68
C MET B 213 -10.55 -17.08 -27.51
N ASP B 214 -9.92 -18.09 -26.89
CA ASP B 214 -9.74 -19.43 -27.47
C ASP B 214 -11.11 -20.04 -27.70
N PRO B 215 -11.25 -20.99 -28.64
CA PRO B 215 -12.62 -21.54 -28.71
C PRO B 215 -12.95 -22.39 -27.48
N ASN B 216 -11.98 -22.73 -26.60
CA ASN B 216 -12.37 -23.44 -25.36
C ASN B 216 -13.15 -22.58 -24.35
N GLY B 217 -13.41 -21.32 -24.69
CA GLY B 217 -14.19 -20.43 -23.80
C GLY B 217 -13.41 -19.95 -22.54
N TRP B 218 -12.14 -20.34 -22.39
CA TRP B 218 -11.40 -19.96 -21.18
C TRP B 218 -10.20 -19.07 -21.55
N THR B 219 -9.39 -19.57 -22.46
CA THR B 219 -8.04 -19.02 -22.62
C THR B 219 -8.08 -17.76 -23.48
N ALA B 220 -7.39 -16.72 -23.02
CA ALA B 220 -7.36 -15.44 -23.74
C ALA B 220 -5.93 -15.15 -24.33
N TYR B 221 -5.89 -14.74 -25.60
CA TYR B 221 -4.71 -14.30 -26.25
C TYR B 221 -4.62 -12.78 -26.45
N THR B 222 -3.39 -12.20 -26.38
CA THR B 222 -3.25 -10.82 -26.80
C THR B 222 -3.74 -10.67 -28.26
N GLU B 223 -4.43 -9.57 -28.54
CA GLU B 223 -4.94 -9.37 -29.91
CA GLU B 223 -4.95 -9.29 -29.90
C GLU B 223 -3.86 -9.12 -30.95
N ASP B 224 -2.68 -8.59 -30.55
CA ASP B 224 -1.59 -8.38 -31.54
C ASP B 224 -0.45 -9.44 -31.45
N GLY B 225 -0.57 -10.43 -30.57
CA GLY B 225 0.50 -11.45 -30.47
C GLY B 225 1.61 -11.00 -29.50
N GLY B 226 1.44 -9.89 -28.80
CA GLY B 226 2.54 -9.50 -27.86
C GLY B 226 2.51 -10.39 -26.63
N LEU B 227 3.59 -10.43 -25.90
CA LEU B 227 3.72 -11.21 -24.71
C LEU B 227 2.83 -10.64 -23.59
N SER B 228 2.34 -11.50 -22.72
CA SER B 228 1.56 -11.00 -21.65
C SER B 228 2.19 -11.50 -20.35
N CYS B 229 2.04 -10.71 -19.30
CA CYS B 229 2.58 -11.04 -17.97
C CYS B 229 1.55 -10.78 -16.85
N GLN B 230 1.54 -11.63 -15.81
CA GLN B 230 0.71 -11.46 -14.63
C GLN B 230 1.40 -11.80 -13.30
N TYR B 231 1.20 -10.97 -12.30
CA TYR B 231 1.58 -11.30 -10.91
C TYR B 231 0.38 -10.95 -10.04
N GLU B 232 0.11 -11.82 -9.08
CA GLU B 232 -1.06 -11.71 -8.21
C GLU B 232 -0.74 -11.97 -6.74
N HIS B 233 -1.26 -11.18 -5.82
CA HIS B 233 -1.28 -11.58 -4.37
C HIS B 233 -2.69 -11.58 -3.88
N SER B 234 -2.99 -12.42 -2.91
CA SER B 234 -4.21 -12.22 -2.09
C SER B 234 -3.80 -11.35 -0.88
N LEU B 235 -4.71 -10.48 -0.43
CA LEU B 235 -4.36 -9.57 0.62
C LEU B 235 -5.59 -9.28 1.49
N ALA B 236 -5.34 -9.18 2.80
CA ALA B 236 -6.35 -8.64 3.75
C ALA B 236 -6.29 -7.09 3.82
N ILE B 237 -7.40 -6.39 3.65
CA ILE B 237 -7.42 -5.00 4.13
C ILE B 237 -7.46 -4.95 5.71
N THR B 238 -6.46 -4.33 6.31
CA THR B 238 -6.37 -4.24 7.77
C THR B 238 -5.95 -2.86 8.24
N LYS B 239 -6.12 -2.68 9.55
CA LYS B 239 -5.80 -1.45 10.27
C LYS B 239 -4.35 -1.03 9.96
N GLU B 240 -3.47 -2.01 10.03
CA GLU B 240 -2.05 -1.73 9.89
CA GLU B 240 -2.04 -1.84 9.86
C GLU B 240 -1.67 -1.64 8.39
N GLY B 241 -2.66 -1.58 7.51
N GLY B 241 -2.68 -1.64 7.50
CA GLY B 241 -2.41 -1.53 6.08
CA GLY B 241 -2.50 -1.45 6.04
C GLY B 241 -2.44 -2.95 5.49
C GLY B 241 -3.20 -2.43 5.09
N PRO B 242 -2.42 -3.04 4.17
CA PRO B 242 -2.72 -4.31 3.49
C PRO B 242 -1.72 -5.42 3.86
N ARG B 243 -2.28 -6.59 4.16
CA ARG B 243 -1.48 -7.73 4.55
C ARG B 243 -1.50 -8.76 3.42
N ILE B 244 -0.30 -9.04 2.93
CA ILE B 244 -0.14 -9.90 1.79
C ILE B 244 -0.23 -11.31 2.33
N LEU B 245 -1.21 -12.09 1.85
CA LEU B 245 -1.47 -13.42 2.42
C LEU B 245 -0.69 -14.54 1.74
N THR B 246 -0.17 -14.23 0.54
CA THR B 246 0.53 -15.16 -0.33
C THR B 246 2.00 -14.81 -0.58
N SER B 247 2.72 -14.34 0.42
CA SER B 247 4.06 -13.82 0.20
C SER B 247 5.03 -14.97 0.21
N GLN B 248 5.99 -14.99 -0.73
CA GLN B 248 6.98 -16.04 -0.78
C GLN B 248 8.23 -15.67 0.02
N GLY B 249 8.34 -14.40 0.38
CA GLY B 249 9.46 -13.88 1.18
C GLY B 249 9.54 -12.37 1.07
N GLU B 250 10.76 -11.86 1.27
CA GLU B 250 11.10 -10.44 1.09
CA GLU B 250 11.07 -10.44 1.07
C GLU B 250 10.55 -9.92 -0.27
N GLU B 251 9.69 -8.90 -0.20
CA GLU B 251 8.87 -8.49 -1.36
C GLU B 251 9.43 -8.45 -2.82
N LEU B 252 10.54 -7.78 -3.10
CA LEU B 252 10.84 -7.81 -4.56
C LEU B 252 11.97 -8.81 -4.90
N THR B 253 12.10 -9.90 -4.12
CA THR B 253 13.26 -10.81 -4.27
C THR B 253 12.93 -12.11 -5.02
N TYR B 254 11.70 -12.25 -5.43
CA TYR B 254 11.25 -13.48 -6.02
C TYR B 254 10.19 -13.13 -7.03
N THR C 3 -32.49 23.19 26.87
CA THR C 3 -31.12 22.67 27.18
C THR C 3 -30.39 23.59 28.22
N LEU C 4 -31.21 24.41 28.86
CA LEU C 4 -30.96 25.18 30.10
C LEU C 4 -30.52 24.27 31.29
N LYS C 5 -29.80 24.85 32.26
CA LYS C 5 -29.27 24.15 33.46
C LYS C 5 -29.65 24.70 34.86
N SER C 6 -29.29 23.96 35.93
CA SER C 6 -29.69 24.14 37.37
C SER C 6 -29.43 22.84 38.24
N PRO C 7 -29.01 22.99 39.55
CA PRO C 7 -28.69 21.82 40.48
C PRO C 7 -29.79 20.74 40.58
N ARG C 8 -31.03 21.15 40.82
CA ARG C 8 -32.18 20.28 40.57
C ARG C 8 -32.19 19.71 39.10
N GLU C 9 -32.11 20.56 38.05
CA GLU C 9 -32.15 20.07 36.65
C GLU C 9 -30.99 19.11 36.31
N ILE C 10 -29.81 19.42 36.86
CA ILE C 10 -28.63 18.55 36.79
C ILE C 10 -29.01 17.13 37.29
N GLU C 11 -29.42 17.02 38.56
CA GLU C 11 -29.76 15.72 39.16
C GLU C 11 -30.91 15.03 38.46
N MET C 12 -31.92 15.79 37.99
CA MET C 12 -33.08 15.20 37.28
C MET C 12 -32.72 14.63 35.88
N MET C 13 -31.72 15.26 35.25
CA MET C 13 -31.16 14.82 33.98
C MET C 13 -30.36 13.51 34.13
N ASP C 14 -29.42 13.46 35.08
CA ASP C 14 -28.65 12.25 35.39
C ASP C 14 -29.55 11.06 35.70
N GLU C 15 -30.62 11.33 36.44
CA GLU C 15 -31.56 10.29 36.86
C GLU C 15 -32.48 9.85 35.71
N SER C 16 -32.61 10.67 34.67
CA SER C 16 -33.30 10.20 33.47
C SER C 16 -32.38 9.23 32.67
N GLY C 17 -31.12 9.66 32.52
CA GLY C 17 -30.05 8.93 31.84
C GLY C 17 -29.64 7.61 32.51
N GLU C 18 -29.34 7.65 33.81
CA GLU C 18 -29.08 6.43 34.56
C GLU C 18 -30.25 5.38 34.40
N LEU C 19 -31.49 5.85 34.30
CA LEU C 19 -32.66 4.96 34.16
C LEU C 19 -32.69 4.30 32.79
N LEU C 20 -32.52 5.13 31.76
CA LEU C 20 -32.49 4.68 30.37
C LEU C 20 -31.37 3.64 30.18
N ALA C 21 -30.20 3.94 30.75
CA ALA C 21 -29.07 3.02 30.84
C ALA C 21 -29.45 1.69 31.51
N ASP C 22 -30.16 1.77 32.64
CA ASP C 22 -30.49 0.55 33.40
C ASP C 22 -31.51 -0.36 32.68
N VAL C 23 -32.32 0.24 31.80
CA VAL C 23 -33.11 -0.52 30.84
C VAL C 23 -32.20 -1.31 29.83
N HIS C 24 -31.25 -0.62 29.19
CA HIS C 24 -30.30 -1.22 28.22
C HIS C 24 -29.39 -2.31 28.85
N ARG C 25 -28.96 -2.07 30.09
CA ARG C 25 -28.24 -3.07 30.89
C ARG C 25 -29.02 -4.37 30.95
N HIS C 26 -30.31 -4.25 31.27
CA HIS C 26 -31.22 -5.42 31.39
C HIS C 26 -31.55 -6.04 30.02
N LEU C 27 -31.75 -5.18 29.03
CA LEU C 27 -31.90 -5.64 27.65
C LEU C 27 -30.72 -6.53 27.16
N ARG C 28 -29.51 -6.33 27.71
CA ARG C 28 -28.36 -7.18 27.41
C ARG C 28 -28.77 -8.67 27.46
N THR C 29 -29.31 -9.10 28.60
CA THR C 29 -29.56 -10.53 28.83
C THR C 29 -30.98 -10.93 28.51
N PHE C 30 -31.79 -9.96 28.10
CA PHE C 30 -33.15 -10.22 27.67
C PHE C 30 -33.24 -10.42 26.14
N ILE C 31 -32.37 -9.76 25.37
CA ILE C 31 -32.39 -9.86 23.89
C ILE C 31 -31.68 -11.12 23.35
N LYS C 32 -32.48 -12.07 22.88
CA LYS C 32 -32.01 -13.33 22.24
C LYS C 32 -33.01 -13.89 21.24
N PRO C 33 -32.57 -14.89 20.44
CA PRO C 33 -33.51 -15.39 19.43
C PRO C 33 -34.64 -16.17 20.10
N GLY C 34 -35.84 -16.01 19.56
CA GLY C 34 -37.03 -16.60 20.18
C GLY C 34 -38.06 -15.55 20.57
N ILE C 35 -37.58 -14.36 20.92
CA ILE C 35 -38.46 -13.24 21.30
C ILE C 35 -38.82 -12.38 20.08
N THR C 36 -39.93 -11.64 20.20
CA THR C 36 -40.34 -10.64 19.21
C THR C 36 -39.64 -9.32 19.55
N SER C 37 -39.61 -8.38 18.59
CA SER C 37 -39.33 -6.97 18.94
C SER C 37 -40.49 -6.39 19.77
N TRP C 38 -41.74 -6.85 19.53
CA TRP C 38 -42.89 -6.41 20.33
C TRP C 38 -42.63 -6.71 21.79
N ASP C 39 -42.09 -7.90 22.07
CA ASP C 39 -41.62 -8.29 23.41
C ASP C 39 -40.73 -7.22 24.09
N ILE C 40 -39.74 -6.72 23.33
CA ILE C 40 -38.80 -5.69 23.78
C ILE C 40 -39.55 -4.43 24.22
N GLU C 41 -40.38 -3.90 23.31
CA GLU C 41 -41.33 -2.83 23.58
C GLU C 41 -42.03 -3.01 24.94
N VAL C 42 -42.78 -4.11 25.06
CA VAL C 42 -43.46 -4.51 26.28
C VAL C 42 -42.55 -4.50 27.50
N PHE C 43 -41.37 -5.13 27.40
CA PHE C 43 -40.40 -5.12 28.52
C PHE C 43 -39.91 -3.72 28.85
N VAL C 44 -39.55 -2.96 27.81
CA VAL C 44 -39.02 -1.60 27.97
C VAL C 44 -40.06 -0.67 28.61
N ARG C 45 -41.29 -0.68 28.07
CA ARG C 45 -42.41 0.09 28.62
C ARG C 45 -42.85 -0.41 30.01
N ASP C 46 -42.72 -1.71 30.25
CA ASP C 46 -43.06 -2.35 31.52
C ASP C 46 -41.96 -2.29 32.61
N PHE C 47 -40.74 -1.92 32.20
CA PHE C 47 -39.71 -1.36 33.09
C PHE C 47 -40.09 0.12 32.98
N ILE C 48 -39.17 1.06 33.21
CA ILE C 48 -39.47 2.49 33.02
C ILE C 48 -40.64 2.93 33.92
N GLU C 49 -41.88 2.78 33.46
CA GLU C 49 -43.05 3.27 34.21
C GLU C 49 -43.21 2.63 35.60
N SER C 50 -42.76 1.38 35.74
CA SER C 50 -42.68 0.74 37.05
C SER C 50 -41.57 1.38 37.90
N HIS C 51 -40.78 2.27 37.30
CA HIS C 51 -39.75 3.04 38.04
C HIS C 51 -40.13 4.52 38.21
N GLY C 52 -41.09 5.02 37.43
CA GLY C 52 -41.63 6.36 37.64
C GLY C 52 -41.67 7.32 36.46
N GLY C 53 -41.10 6.91 35.32
CA GLY C 53 -41.09 7.77 34.15
C GLY C 53 -42.28 7.46 33.25
N VAL C 54 -42.48 8.32 32.23
CA VAL C 54 -43.48 8.09 31.18
C VAL C 54 -42.80 7.93 29.81
N ALA C 55 -43.31 6.99 29.00
CA ALA C 55 -42.72 6.68 27.70
C ALA C 55 -43.04 7.70 26.56
N ALA C 56 -42.20 8.73 26.46
CA ALA C 56 -42.33 9.81 25.44
C ALA C 56 -41.97 9.38 24.01
N TYR C 65 -45.44 3.98 20.17
CA TYR C 65 -44.99 3.13 21.30
C TYR C 65 -43.76 3.69 22.05
N ALA C 66 -43.39 3.07 23.18
CA ALA C 66 -42.18 3.46 23.98
C ALA C 66 -40.84 3.38 23.23
N THR C 67 -40.85 2.59 22.15
CA THR C 67 -39.66 2.09 21.49
C THR C 67 -39.70 2.23 19.96
N CYS C 68 -38.55 2.56 19.40
CA CYS C 68 -38.26 2.19 18.02
C CYS C 68 -37.35 0.97 18.00
N CYS C 69 -37.78 -0.02 17.22
CA CYS C 69 -36.97 -1.21 16.91
C CYS C 69 -36.61 -1.25 15.42
N SER C 70 -35.39 -0.79 15.12
CA SER C 70 -34.86 -0.90 13.76
C SER C 70 -33.98 -2.16 13.57
N ILE C 71 -34.40 -3.00 12.62
CA ILE C 71 -33.82 -4.31 12.39
C ILE C 71 -33.09 -4.36 11.06
N ASN C 72 -31.83 -4.78 11.16
CA ASN C 72 -30.94 -5.08 10.03
C ASN C 72 -30.74 -3.90 9.07
N ASP C 73 -31.50 -3.87 7.97
CA ASP C 73 -31.39 -2.79 6.98
C ASP C 73 -32.23 -1.53 7.31
N GLU C 74 -33.10 -1.65 8.31
CA GLU C 74 -33.80 -0.46 8.85
C GLU C 74 -32.80 0.43 9.60
N ILE C 75 -32.68 1.68 9.13
CA ILE C 75 -31.81 2.70 9.72
C ILE C 75 -32.35 3.21 11.06
N CYS C 76 -33.56 3.74 11.01
CA CYS C 76 -34.24 4.31 12.17
C CYS C 76 -35.73 4.10 12.01
N HIS C 77 -36.47 4.31 13.10
CA HIS C 77 -37.93 4.35 13.10
C HIS C 77 -38.63 3.09 12.60
N GLY C 78 -38.01 1.93 12.79
CA GLY C 78 -38.73 0.65 12.68
C GLY C 78 -39.64 0.48 13.88
N PHE C 79 -40.83 -0.10 13.66
CA PHE C 79 -41.80 -0.33 14.75
C PHE C 79 -41.56 -1.69 15.39
N PRO C 80 -41.62 -1.79 16.74
CA PRO C 80 -41.54 -3.16 17.27
C PRO C 80 -42.77 -3.92 16.81
N ARG C 81 -42.54 -5.17 16.39
CA ARG C 81 -43.62 -5.99 15.85
C ARG C 81 -43.54 -7.46 16.29
N LYS C 82 -44.53 -8.23 15.83
CA LYS C 82 -44.72 -9.67 16.15
C LYS C 82 -43.69 -10.65 15.57
N LYS C 83 -42.92 -10.22 14.53
CA LYS C 83 -41.87 -11.03 13.88
C LYS C 83 -40.81 -11.53 14.88
N VAL C 84 -40.45 -12.80 14.79
CA VAL C 84 -39.48 -13.39 15.76
C VAL C 84 -38.05 -12.98 15.39
N LEU C 85 -37.29 -12.58 16.41
CA LEU C 85 -35.86 -12.29 16.25
C LEU C 85 -34.97 -13.56 16.10
N LYS C 86 -34.11 -13.53 15.07
CA LYS C 86 -33.27 -14.67 14.62
C LYS C 86 -31.77 -14.42 14.89
N ASP C 87 -30.96 -15.49 14.91
CA ASP C 87 -29.49 -15.32 14.96
C ASP C 87 -28.97 -14.41 13.83
N GLY C 88 -27.96 -13.59 14.16
CA GLY C 88 -27.36 -12.67 13.18
C GLY C 88 -28.18 -11.40 12.90
N ASP C 89 -29.37 -11.29 13.50
CA ASP C 89 -30.20 -10.07 13.42
C ASP C 89 -29.50 -8.89 14.15
N LEU C 90 -29.48 -7.72 13.51
CA LEU C 90 -28.99 -6.50 14.17
C LEU C 90 -30.13 -5.56 14.53
N ILE C 91 -30.32 -5.37 15.83
CA ILE C 91 -31.42 -4.54 16.31
C ILE C 91 -30.95 -3.28 17.09
N LYS C 92 -31.50 -2.13 16.67
CA LYS C 92 -31.34 -0.83 17.33
C LYS C 92 -32.63 -0.56 18.11
N VAL C 93 -32.51 -0.52 19.43
CA VAL C 93 -33.66 -0.22 20.29
C VAL C 93 -33.50 1.24 20.70
N ASP C 94 -34.32 2.09 20.12
CA ASP C 94 -34.30 3.54 20.42
C ASP C 94 -35.45 3.83 21.36
N MET C 95 -35.16 4.37 22.54
CA MET C 95 -36.24 4.73 23.45
C MET C 95 -36.01 6.03 24.20
N CYS C 96 -37.13 6.68 24.54
CA CYS C 96 -37.15 7.96 25.29
C CYS C 96 -37.74 7.81 26.71
N VAL C 97 -37.18 8.58 27.65
CA VAL C 97 -37.69 8.69 29.01
C VAL C 97 -37.91 10.17 29.43
N ASP C 98 -39.17 10.50 29.68
CA ASP C 98 -39.53 11.64 30.53
C ASP C 98 -39.74 11.12 31.97
N LEU C 99 -38.72 11.24 32.83
CA LEU C 99 -38.85 10.96 34.26
C LEU C 99 -39.01 12.29 35.00
N LYS C 100 -40.26 12.57 35.39
CA LYS C 100 -40.61 13.77 36.16
C LYS C 100 -39.93 15.00 35.55
N GLY C 101 -40.41 15.40 34.37
CA GLY C 101 -39.95 16.62 33.68
C GLY C 101 -38.63 16.58 32.88
N ALA C 102 -37.69 15.71 33.31
CA ALA C 102 -36.40 15.58 32.61
C ALA C 102 -36.44 14.48 31.54
N ILE C 103 -36.06 14.87 30.31
CA ILE C 103 -36.10 13.96 29.16
C ILE C 103 -34.68 13.58 28.70
N SER C 104 -34.41 12.28 28.66
CA SER C 104 -33.17 11.74 28.03
C SER C 104 -33.49 10.68 26.94
N ASP C 105 -32.51 10.40 26.08
CA ASP C 105 -32.65 9.44 24.97
C ASP C 105 -31.32 8.70 24.67
N SER C 106 -31.44 7.38 24.46
CA SER C 106 -30.33 6.49 24.08
C SER C 106 -30.82 5.45 23.06
N CYS C 107 -30.14 5.33 21.92
CA CYS C 107 -30.24 4.14 21.07
C CYS C 107 -29.04 3.27 21.30
N TRP C 108 -29.30 1.98 21.48
CA TRP C 108 -28.25 0.97 21.51
C TRP C 108 -28.54 -0.19 20.55
N SER C 109 -27.49 -0.77 19.95
CA SER C 109 -27.64 -1.86 19.02
C SER C 109 -27.27 -3.18 19.67
N TYR C 110 -27.88 -4.24 19.13
CA TYR C 110 -27.68 -5.62 19.57
C TYR C 110 -27.66 -6.58 18.38
N VAL C 111 -26.64 -7.43 18.40
CA VAL C 111 -26.64 -8.69 17.64
C VAL C 111 -27.38 -9.76 18.42
N VAL C 112 -28.44 -10.27 17.80
CA VAL C 112 -29.17 -11.39 18.34
C VAL C 112 -28.45 -12.71 18.05
N GLY C 113 -28.06 -13.40 19.13
CA GLY C 113 -27.42 -14.73 19.01
C GLY C 113 -26.03 -14.65 18.42
N GLU C 114 -25.74 -15.54 17.44
CA GLU C 114 -24.49 -15.49 16.64
C GLU C 114 -24.40 -14.24 15.76
N SER C 115 -23.31 -13.51 15.93
CA SER C 115 -22.94 -12.44 15.01
C SER C 115 -22.15 -13.05 13.82
N THR C 116 -21.68 -12.15 12.96
CA THR C 116 -20.87 -12.41 11.78
C THR C 116 -19.73 -11.36 11.85
N PRO C 117 -18.54 -11.65 11.26
CA PRO C 117 -17.53 -10.57 11.22
C PRO C 117 -18.05 -9.22 10.66
N GLU C 118 -19.07 -9.26 9.79
CA GLU C 118 -19.60 -8.04 9.23
C GLU C 118 -20.30 -7.24 10.32
N ILE C 119 -21.23 -7.87 11.01
CA ILE C 119 -21.96 -7.20 12.07
C ILE C 119 -21.01 -6.71 13.15
N ASP C 120 -20.05 -7.55 13.56
CA ASP C 120 -19.12 -7.15 14.63
C ASP C 120 -18.34 -5.89 14.23
N ARG C 121 -17.94 -5.85 12.96
CA ARG C 121 -17.07 -4.81 12.49
C ARG C 121 -17.85 -3.48 12.34
N LEU C 122 -19.04 -3.55 11.74
CA LEU C 122 -19.96 -2.44 11.70
C LEU C 122 -20.26 -1.84 13.13
N MET C 123 -20.40 -2.71 14.13
CA MET C 123 -20.75 -2.29 15.47
C MET C 123 -19.61 -1.50 16.09
N GLU C 124 -18.37 -2.02 16.07
CA GLU C 124 -17.22 -1.13 16.25
C GLU C 124 -17.35 -0.13 15.12
N VAL C 125 -16.69 1.01 15.19
CA VAL C 125 -16.86 1.98 14.07
C VAL C 125 -18.09 2.84 14.33
N THR C 126 -19.28 2.24 14.41
CA THR C 126 -20.44 3.02 14.81
C THR C 126 -20.29 3.47 16.27
N LYS C 127 -19.88 2.52 17.12
CA LYS C 127 -19.63 2.80 18.53
C LYS C 127 -18.47 3.78 18.69
N LYS C 128 -17.38 3.52 17.99
CA LYS C 128 -16.23 4.41 17.93
C LYS C 128 -16.61 5.82 17.41
N ALA C 129 -17.42 5.88 16.35
CA ALA C 129 -17.96 7.14 15.78
C ALA C 129 -18.60 8.01 16.89
N LEU C 130 -19.57 7.42 17.59
CA LEU C 130 -20.17 8.02 18.79
C LEU C 130 -19.10 8.58 19.76
N TYR C 131 -18.11 7.77 20.13
CA TYR C 131 -17.15 8.20 21.14
C TYR C 131 -16.11 9.17 20.61
N LEU C 132 -16.01 9.26 19.29
CA LEU C 132 -15.23 10.31 18.67
C LEU C 132 -16.04 11.62 18.64
N GLY C 133 -17.31 11.55 18.22
CA GLY C 133 -18.22 12.71 18.28
C GLY C 133 -18.51 13.22 19.70
N ILE C 134 -18.39 12.35 20.70
CA ILE C 134 -18.47 12.77 22.12
C ILE C 134 -17.20 13.51 22.54
N GLU C 135 -16.04 12.88 22.32
CA GLU C 135 -14.75 13.53 22.57
C GLU C 135 -14.59 14.89 21.82
N GLN C 136 -15.66 15.36 21.17
CA GLN C 136 -15.74 16.66 20.46
C GLN C 136 -16.84 17.59 21.00
N ALA C 137 -17.51 17.18 22.07
CA ALA C 137 -18.53 17.99 22.75
C ALA C 137 -17.88 18.76 23.90
N GLN C 138 -17.28 19.90 23.56
CA GLN C 138 -16.52 20.70 24.51
C GLN C 138 -17.10 22.10 24.56
N VAL C 139 -16.91 22.77 25.71
CA VAL C 139 -17.19 24.21 25.84
C VAL C 139 -16.35 24.97 24.83
N GLY C 140 -16.98 25.44 23.75
CA GLY C 140 -16.25 26.21 22.74
C GLY C 140 -16.23 25.69 21.32
N ASN C 141 -16.09 24.38 21.14
CA ASN C 141 -16.23 23.74 19.80
C ASN C 141 -17.59 24.02 19.18
N ARG C 142 -17.76 23.71 17.90
CA ARG C 142 -19.05 23.94 17.24
C ARG C 142 -19.73 22.63 16.87
N ILE C 143 -21.04 22.67 16.59
CA ILE C 143 -21.81 21.46 16.20
C ILE C 143 -21.23 20.76 14.94
N GLY C 144 -20.34 21.47 14.27
CA GLY C 144 -19.64 20.98 13.08
C GLY C 144 -18.30 20.37 13.43
N ASP C 145 -17.76 20.66 14.60
CA ASP C 145 -16.56 19.97 15.09
C ASP C 145 -16.90 18.51 15.51
N ILE C 146 -18.20 18.21 15.58
CA ILE C 146 -18.68 16.87 15.94
C ILE C 146 -18.99 16.05 14.68
N GLY C 147 -19.84 16.60 13.82
CA GLY C 147 -20.33 15.91 12.60
C GLY C 147 -19.28 15.74 11.52
N HIS C 148 -18.15 16.42 11.72
CA HIS C 148 -16.99 16.33 10.85
CA HIS C 148 -17.03 16.29 10.80
C HIS C 148 -16.03 15.26 11.35
N ALA C 149 -16.00 15.09 12.68
CA ALA C 149 -15.16 14.06 13.29
C ALA C 149 -15.73 12.66 13.01
N ILE C 150 -17.06 12.54 13.10
CA ILE C 150 -17.78 11.30 12.82
C ILE C 150 -17.71 10.90 11.31
N GLN C 151 -17.94 11.89 10.42
CA GLN C 151 -17.89 11.72 8.96
C GLN C 151 -16.49 11.39 8.47
N THR C 152 -15.49 12.09 9.00
CA THR C 152 -14.10 11.83 8.66
C THR C 152 -13.74 10.38 9.06
N TYR C 153 -14.11 9.98 10.28
CA TYR C 153 -13.75 8.66 10.76
C TYR C 153 -14.49 7.53 10.01
N VAL C 154 -15.80 7.63 9.97
CA VAL C 154 -16.67 6.59 9.39
C VAL C 154 -16.33 6.41 7.88
N GLU C 155 -16.16 7.54 7.18
CA GLU C 155 -15.91 7.52 5.75
C GLU C 155 -14.55 6.97 5.40
N GLY C 156 -13.58 7.19 6.27
CA GLY C 156 -12.22 6.65 6.15
C GLY C 156 -11.99 5.31 6.85
N GLU C 157 -13.09 4.67 7.24
CA GLU C 157 -13.10 3.24 7.54
C GLU C 157 -13.89 2.46 6.47
N GLY C 158 -14.49 3.19 5.50
CA GLY C 158 -15.25 2.60 4.38
C GLY C 158 -16.77 2.51 4.48
N TYR C 159 -17.32 3.22 5.46
CA TYR C 159 -18.76 3.15 5.73
C TYR C 159 -19.45 4.42 5.30
N GLY C 160 -20.77 4.34 5.19
CA GLY C 160 -21.62 5.51 4.95
C GLY C 160 -22.24 6.03 6.24
N VAL C 161 -22.06 7.33 6.50
CA VAL C 161 -22.81 7.99 7.58
C VAL C 161 -23.99 8.76 7.00
N VAL C 162 -25.19 8.44 7.46
CA VAL C 162 -26.43 9.12 7.10
C VAL C 162 -26.40 10.65 7.35
N GLY C 189 -23.14 24.52 13.10
CA GLY C 189 -24.26 25.38 13.49
C GLY C 189 -23.83 26.30 14.61
N LEU C 190 -24.60 26.32 15.70
CA LEU C 190 -24.32 27.20 16.83
C LEU C 190 -23.10 26.76 17.69
N ARG C 191 -22.59 27.68 18.52
CA ARG C 191 -21.47 27.39 19.42
C ARG C 191 -21.92 26.51 20.62
N LEU C 192 -20.95 25.89 21.31
CA LEU C 192 -21.24 25.04 22.47
C LEU C 192 -20.92 25.74 23.81
N MET C 196 -25.78 23.01 28.26
CA MET C 196 -26.45 22.47 27.04
CA MET C 196 -26.41 22.48 27.05
C MET C 196 -26.58 20.94 27.06
N VAL C 197 -27.73 20.46 26.61
CA VAL C 197 -28.06 19.02 26.57
C VAL C 197 -28.38 18.58 25.14
N ILE C 198 -27.58 17.64 24.63
CA ILE C 198 -27.66 17.18 23.21
C ILE C 198 -27.58 15.65 23.04
N THR C 199 -28.16 15.19 21.93
CA THR C 199 -27.93 13.82 21.47
C THR C 199 -26.97 13.74 20.28
N ILE C 200 -26.01 12.83 20.38
CA ILE C 200 -25.16 12.41 19.29
C ILE C 200 -25.61 10.99 18.91
N GLU C 201 -26.04 10.84 17.67
CA GLU C 201 -26.76 9.64 17.22
C GLU C 201 -26.31 9.07 15.87
N PRO C 202 -24.97 8.86 15.65
CA PRO C 202 -24.49 8.38 14.34
C PRO C 202 -25.16 7.10 13.82
N MET C 203 -25.83 7.23 12.68
CA MET C 203 -26.42 6.09 11.97
C MET C 203 -25.45 5.66 10.87
N VAL C 204 -24.95 4.43 10.99
CA VAL C 204 -23.92 3.90 10.07
C VAL C 204 -24.42 2.76 9.15
N ASN C 205 -24.08 2.87 7.87
CA ASN C 205 -24.50 1.92 6.84
C ASN C 205 -23.29 1.19 6.24
N THR C 206 -23.53 -0.04 5.78
CA THR C 206 -22.48 -0.87 5.11
C THR C 206 -22.07 -0.35 3.71
N GLY C 207 -23.03 0.22 2.97
CA GLY C 207 -22.73 0.74 1.65
C GLY C 207 -23.12 2.18 1.50
N THR C 208 -24.31 2.38 0.91
CA THR C 208 -24.86 3.71 0.58
C THR C 208 -25.11 4.58 1.82
N TRP C 209 -24.75 5.87 1.73
CA TRP C 209 -25.13 6.81 2.77
C TRP C 209 -26.53 7.40 2.56
N ARG C 210 -27.18 6.99 1.46
CA ARG C 210 -28.58 7.38 1.17
C ARG C 210 -29.63 6.45 1.79
N MET C 211 -30.91 6.78 1.56
CA MET C 211 -32.07 6.16 2.23
C MET C 211 -33.43 6.25 1.45
N LYS C 212 -34.39 5.42 1.83
CA LYS C 212 -35.77 5.47 1.29
C LYS C 212 -36.78 5.06 2.37
N MET C 213 -38.06 5.36 2.12
CA MET C 213 -39.08 5.18 3.16
C MET C 213 -40.04 4.04 2.82
N THR C 219 -40.30 5.36 8.64
CA THR C 219 -39.31 4.29 8.74
C THR C 219 -38.35 4.32 7.55
N ALA C 220 -37.10 4.69 7.82
CA ALA C 220 -36.02 4.69 6.83
C ALA C 220 -35.30 3.33 6.68
N TYR C 221 -34.85 3.05 5.45
CA TYR C 221 -34.06 1.88 5.08
C TYR C 221 -32.79 2.31 4.36
N THR C 222 -31.76 1.47 4.40
CA THR C 222 -30.68 1.58 3.40
C THR C 222 -31.37 1.56 2.01
N GLU C 223 -30.97 2.47 1.14
CA GLU C 223 -31.53 2.48 -0.21
C GLU C 223 -31.18 1.15 -0.96
N ASP C 224 -29.91 0.72 -0.81
CA ASP C 224 -29.38 -0.51 -1.44
C ASP C 224 -29.65 -1.81 -0.64
N GLY C 225 -30.38 -1.74 0.47
CA GLY C 225 -30.72 -2.93 1.26
C GLY C 225 -29.66 -3.53 2.20
N GLY C 226 -28.51 -2.85 2.35
CA GLY C 226 -27.50 -3.20 3.38
C GLY C 226 -27.85 -2.90 4.86
N LEU C 227 -27.04 -3.44 5.78
CA LEU C 227 -27.32 -3.30 7.22
C LEU C 227 -27.01 -1.89 7.75
N SER C 228 -27.85 -1.41 8.64
CA SER C 228 -27.56 -0.16 9.35
C SER C 228 -27.36 -0.33 10.86
N CYS C 229 -26.54 0.54 11.45
CA CYS C 229 -26.22 0.52 12.90
C CYS C 229 -26.35 1.94 13.55
N GLN C 230 -26.81 1.97 14.81
CA GLN C 230 -26.85 3.22 15.60
C GLN C 230 -26.47 3.03 17.09
N TYR C 231 -25.62 3.93 17.56
CA TYR C 231 -25.48 4.24 18.96
C TYR C 231 -25.75 5.72 19.23
N GLU C 232 -26.44 5.94 20.36
CA GLU C 232 -26.87 7.26 20.78
C GLU C 232 -26.81 7.45 22.32
N HIS C 233 -25.95 8.37 22.76
CA HIS C 233 -25.92 8.90 24.12
C HIS C 233 -26.52 10.32 24.20
N SER C 234 -27.13 10.64 25.35
CA SER C 234 -27.47 12.03 25.71
C SER C 234 -26.27 12.56 26.49
N LEU C 235 -25.93 13.82 26.24
CA LEU C 235 -24.72 14.43 26.79
C LEU C 235 -25.04 15.76 27.49
N ALA C 236 -24.39 15.97 28.65
CA ALA C 236 -24.25 17.30 29.25
C ALA C 236 -22.82 17.86 28.96
N ILE C 237 -22.78 19.10 28.45
CA ILE C 237 -21.52 19.80 28.11
C ILE C 237 -20.61 20.14 29.33
N GLY C 241 -15.29 19.08 31.29
CA GLY C 241 -15.56 17.78 30.67
C GLY C 241 -16.88 17.73 29.91
N PRO C 242 -16.98 16.84 28.89
CA PRO C 242 -18.31 16.44 28.39
C PRO C 242 -18.75 15.24 29.22
N ARG C 243 -20.05 15.11 29.52
CA ARG C 243 -20.49 13.90 30.27
C ARG C 243 -21.70 13.11 29.76
N ILE C 244 -21.43 11.83 29.60
CA ILE C 244 -22.31 10.85 29.00
C ILE C 244 -23.40 10.54 30.01
N LEU C 245 -24.56 11.18 29.80
CA LEU C 245 -25.73 11.05 30.67
C LEU C 245 -26.37 9.65 30.70
N THR C 246 -26.45 8.98 29.55
CA THR C 246 -27.07 7.67 29.41
C THR C 246 -26.05 6.51 29.58
N SER C 247 -24.93 6.78 30.26
CA SER C 247 -23.85 5.83 30.44
C SER C 247 -24.29 4.51 31.13
N GLN C 248 -23.73 3.38 30.67
CA GLN C 248 -24.05 2.06 31.24
C GLN C 248 -22.92 1.60 32.19
N GLY C 249 -21.78 2.27 32.10
CA GLY C 249 -20.55 1.94 32.87
C GLY C 249 -19.31 2.33 32.07
N GLU C 250 -18.19 1.67 32.35
CA GLU C 250 -16.91 1.96 31.68
C GLU C 250 -17.17 2.04 30.19
N GLU C 251 -16.68 3.12 29.57
CA GLU C 251 -17.01 3.37 28.16
C GLU C 251 -16.28 2.35 27.29
N LEU C 252 -16.97 1.86 26.24
CA LEU C 252 -16.51 0.72 25.42
C LEU C 252 -16.52 -0.60 26.23
N THR C 253 -17.48 -0.72 27.14
CA THR C 253 -17.63 -1.92 28.01
C THR C 253 -18.88 -2.70 27.61
N TYR C 254 -19.70 -2.07 26.75
CA TYR C 254 -21.06 -2.50 26.45
C TYR C 254 -21.47 -1.95 25.09
#